data_4D9M
#
_entry.id   4D9M
#
_cell.length_a   85.506
_cell.length_b   85.506
_cell.length_c   205.084
_cell.angle_alpha   90.00
_cell.angle_beta   90.00
_cell.angle_gamma   90.00
#
_symmetry.space_group_name_H-M   'P 43 21 2'
#
loop_
_entity.id
_entity.type
_entity.pdbx_description
1 polymer 'Diaminopropionate ammonia-lyase'
2 non-polymer '2-{[(E)-{3-hydroxy-2-methyl-5-[(phosphonooxy)methyl]pyridin-4-yl}methylidene]amino}prop-2-enoic acid'
3 water water
#
_entity_poly.entity_id   1
_entity_poly.type   'polypeptide(L)'
_entity_poly.pdbx_seq_one_letter_code
;MSVFSLKIDIADNKFFNGETSPLFSQSQAKLARQFHQKIAGYRPTPLCALDDLANLFGVKKILVKDESKRFGLNAFKMLG
GAYAIAQLLCEKYHLDIETLSFEHLKNAIGEKMTFATTTDGNHGRGVAWAAQQLGQNAVIYMPKGSAQERVDAILNLGAE
CIVTDMNYDDTVRLTMQHAQQHGWEVVQDTAWEGYTKIPTWIMQGYATLADEAVEQMREMGVTPTHVLLQAGVGAMAGGV
LGYLVDVYSPQNLHSIIVEPDKADCIYRSGVKGDIVNVGGDMATIMAGLACGEPNPLGWEILRNCATQFISCQDSVAALG
MRVLGNPYGNDPRIISGESGAVGLGVLAAVHYHPQRQSLMEKLALNKDAVVLVISTEGDTDVKHYREVVWEGKHAVAP
;
_entity_poly.pdbx_strand_id   A,B
#
loop_
_chem_comp.id
_chem_comp.type
_chem_comp.name
_chem_comp.formula
0JO non-polymer '2-{[(E)-{3-hydroxy-2-methyl-5-[(phosphonooxy)methyl]pyridin-4-yl}methylidene]amino}prop-2-enoic acid' 'C11 H13 N2 O7 P'
#
# COMPACT_ATOMS: atom_id res chain seq x y z
N SER A 2 10.81 9.87 7.72
CA SER A 2 12.14 9.47 8.27
C SER A 2 13.24 9.73 7.25
N VAL A 3 14.43 10.03 7.74
CA VAL A 3 15.60 10.25 6.89
C VAL A 3 16.47 9.00 6.93
N PHE A 4 16.81 8.49 5.75
CA PHE A 4 17.61 7.28 5.65
C PHE A 4 18.52 7.28 4.43
N SER A 5 19.62 6.55 4.54
CA SER A 5 20.63 6.51 3.49
C SER A 5 20.71 5.13 2.83
N LEU A 6 20.12 5.03 1.64
CA LEU A 6 20.23 3.83 0.83
C LEU A 6 21.33 4.04 -0.20
N LYS A 7 22.11 3.01 -0.45
CA LYS A 7 23.19 3.09 -1.42
C LYS A 7 22.58 3.35 -2.80
N ILE A 8 22.91 4.52 -3.36
CA ILE A 8 22.52 4.87 -4.72
C ILE A 8 23.68 5.59 -5.43
N ASP A 9 24.62 4.78 -5.89
CA ASP A 9 25.80 5.25 -6.59
C ASP A 9 25.45 5.73 -8.00
N ILE A 10 25.67 7.01 -8.23
CA ILE A 10 25.43 7.63 -9.54
C ILE A 10 26.77 7.89 -10.22
N ALA A 11 26.89 7.47 -11.48
CA ALA A 11 28.08 7.73 -12.27
C ALA A 11 27.70 8.26 -13.65
N ASP A 12 28.30 9.39 -14.02
CA ASP A 12 28.12 10.00 -15.33
C ASP A 12 28.72 9.10 -16.39
N ASN A 13 28.03 9.00 -17.51
CA ASN A 13 28.54 8.27 -18.66
C ASN A 13 29.56 9.12 -19.40
N LYS A 14 30.83 8.79 -19.22
CA LYS A 14 31.92 9.50 -19.88
C LYS A 14 32.11 9.07 -21.34
N PHE A 15 31.47 7.96 -21.73
CA PHE A 15 31.60 7.43 -23.10
C PHE A 15 30.43 7.83 -24.00
N PHE A 16 29.62 8.78 -23.53
CA PHE A 16 28.48 9.33 -24.27
C PHE A 16 28.94 10.06 -25.53
N ASN A 17 28.39 9.67 -26.67
CA ASN A 17 28.65 10.32 -27.96
C ASN A 17 27.40 10.80 -28.70
N GLY A 18 26.24 10.36 -28.23
CA GLY A 18 24.95 10.71 -28.85
C GLY A 18 24.69 10.08 -30.21
N GLU A 19 25.45 9.04 -30.57
CA GLU A 19 25.21 8.32 -31.81
C GLU A 19 23.97 7.45 -31.68
N THR A 20 22.92 7.83 -32.40
CA THR A 20 21.65 7.10 -32.38
C THR A 20 21.76 5.77 -33.13
N SER A 21 20.71 4.97 -33.04
CA SER A 21 20.67 3.69 -33.75
C SER A 21 19.41 3.57 -34.60
N PRO A 22 19.55 3.71 -35.93
CA PRO A 22 18.42 3.53 -36.86
C PRO A 22 17.81 2.13 -36.73
N LEU A 23 18.61 1.19 -36.22
CA LEU A 23 18.17 -0.17 -35.91
C LEU A 23 17.02 -0.19 -34.88
N PHE A 24 17.08 0.74 -33.92
CA PHE A 24 15.99 0.96 -32.95
C PHE A 24 15.50 2.41 -33.04
N SER A 25 14.47 2.64 -33.84
CA SER A 25 14.00 4.00 -34.15
C SER A 25 12.47 4.10 -34.20
N GLN A 26 11.99 5.28 -34.57
CA GLN A 26 10.54 5.49 -34.76
C GLN A 26 9.97 4.52 -35.80
N SER A 27 10.62 4.41 -36.95
CA SER A 27 10.12 3.61 -38.08
C SER A 27 9.97 2.12 -37.76
N GLN A 28 10.98 1.53 -37.12
CA GLN A 28 10.95 0.11 -36.74
C GLN A 28 9.94 -0.18 -35.62
N ALA A 29 9.83 0.76 -34.68
CA ALA A 29 8.90 0.63 -33.57
C ALA A 29 7.47 0.75 -34.05
N LYS A 30 7.28 1.50 -35.13
CA LYS A 30 5.97 1.65 -35.75
C LYS A 30 5.56 0.36 -36.46
N LEU A 31 6.54 -0.38 -36.98
CA LEU A 31 6.30 -1.70 -37.57
C LEU A 31 6.02 -2.71 -36.45
N ALA A 32 6.79 -2.61 -35.36
CA ALA A 32 6.61 -3.45 -34.18
C ALA A 32 5.22 -3.24 -33.55
N ARG A 33 4.78 -1.99 -33.50
CA ARG A 33 3.47 -1.66 -32.94
C ARG A 33 2.33 -2.09 -33.87
N GLN A 34 2.54 -1.95 -35.18
CA GLN A 34 1.57 -2.43 -36.17
C GLN A 34 1.29 -3.92 -35.98
N PHE A 35 2.34 -4.68 -35.69
CA PHE A 35 2.22 -6.11 -35.39
C PHE A 35 1.38 -6.37 -34.14
N HIS A 36 1.72 -5.70 -33.04
CA HIS A 36 1.05 -5.93 -31.75
C HIS A 36 -0.38 -5.50 -31.74
N GLN A 37 -0.70 -4.49 -32.54
CA GLN A 37 -2.07 -3.97 -32.66
C GLN A 37 -3.03 -5.03 -33.20
N LYS A 38 -2.52 -5.89 -34.08
CA LYS A 38 -3.32 -6.95 -34.70
C LYS A 38 -3.52 -8.17 -33.78
N ILE A 39 -2.86 -8.18 -32.62
CA ILE A 39 -3.02 -9.27 -31.66
C ILE A 39 -4.30 -9.06 -30.84
N ALA A 40 -5.09 -10.13 -30.72
CA ALA A 40 -6.39 -10.09 -30.04
C ALA A 40 -6.31 -9.53 -28.61
N GLY A 41 -7.12 -8.52 -28.35
CA GLY A 41 -7.20 -7.90 -27.04
C GLY A 41 -6.07 -6.90 -26.78
N TYR A 42 -5.61 -6.25 -27.84
CA TYR A 42 -4.58 -5.23 -27.71
C TYR A 42 -5.15 -3.95 -27.09
N ARG A 43 -4.39 -3.37 -26.18
CA ARG A 43 -4.71 -2.07 -25.60
C ARG A 43 -3.42 -1.44 -25.12
N PRO A 44 -3.19 -0.17 -25.49
CA PRO A 44 -2.05 0.56 -24.93
C PRO A 44 -2.12 0.56 -23.41
N THR A 45 -1.04 0.16 -22.75
CA THR A 45 -1.00 0.11 -21.29
C THR A 45 -1.09 1.53 -20.69
N PRO A 46 -1.65 1.65 -19.48
CA PRO A 46 -1.80 2.96 -18.85
C PRO A 46 -0.49 3.70 -18.62
N LEU A 47 -0.51 4.99 -18.92
CA LEU A 47 0.55 5.90 -18.49
C LEU A 47 0.00 6.69 -17.31
N CYS A 48 0.36 6.26 -16.10
CA CYS A 48 -0.21 6.83 -14.88
C CYS A 48 0.53 8.08 -14.46
N ALA A 49 -0.24 9.12 -14.15
CA ALA A 49 0.30 10.38 -13.68
C ALA A 49 0.28 10.42 -12.15
N LEU A 50 1.46 10.31 -11.55
CA LEU A 50 1.60 10.43 -10.10
C LEU A 50 1.87 11.88 -9.72
N ASP A 51 0.85 12.72 -9.89
CA ASP A 51 0.94 14.16 -9.65
C ASP A 51 1.27 14.53 -8.20
N ASP A 52 0.56 13.94 -7.26
CA ASP A 52 0.77 14.24 -5.84
C ASP A 52 2.12 13.74 -5.34
N LEU A 53 2.62 12.66 -5.93
CA LEU A 53 3.96 12.19 -5.61
C LEU A 53 5.04 13.07 -6.29
N ALA A 54 4.70 13.65 -7.44
CA ALA A 54 5.59 14.60 -8.12
C ALA A 54 5.79 15.85 -7.28
N ASN A 55 4.68 16.40 -6.80
CA ASN A 55 4.70 17.58 -5.95
C ASN A 55 5.40 17.36 -4.62
N LEU A 56 5.40 16.13 -4.13
CA LEU A 56 6.08 15.80 -2.87
C LEU A 56 7.57 15.63 -3.09
N PHE A 57 7.95 15.16 -4.27
CA PHE A 57 9.33 14.86 -4.59
C PHE A 57 10.08 16.06 -5.15
N GLY A 58 9.34 17.10 -5.52
CA GLY A 58 9.92 18.35 -5.97
C GLY A 58 10.10 18.43 -7.47
N VAL A 59 9.40 17.57 -8.20
CA VAL A 59 9.45 17.59 -9.66
C VAL A 59 8.07 17.95 -10.24
N LYS A 60 7.99 18.12 -11.56
CA LYS A 60 6.75 18.53 -12.19
C LYS A 60 5.79 17.34 -12.38
N LYS A 61 6.29 16.29 -13.01
CA LYS A 61 5.45 15.14 -13.35
C LYS A 61 6.26 13.88 -13.16
N ILE A 62 5.66 12.90 -12.50
CA ILE A 62 6.17 11.54 -12.51
C ILE A 62 5.14 10.73 -13.28
N LEU A 63 5.58 10.10 -14.36
CA LEU A 63 4.70 9.35 -15.25
C LEU A 63 5.20 7.92 -15.33
N VAL A 64 4.30 6.97 -15.05
CA VAL A 64 4.64 5.55 -14.95
C VAL A 64 3.89 4.72 -16.01
N LYS A 65 4.66 4.08 -16.89
CA LYS A 65 4.09 3.14 -17.85
C LYS A 65 3.81 1.82 -17.13
N ASP A 66 2.53 1.46 -17.04
CA ASP A 66 2.10 0.30 -16.25
C ASP A 66 2.08 -0.96 -17.12
N GLU A 67 3.23 -1.63 -17.21
CA GLU A 67 3.33 -2.83 -18.06
C GLU A 67 2.75 -4.09 -17.41
N SER A 68 2.15 -3.95 -16.23
CA SER A 68 1.43 -5.05 -15.60
C SER A 68 0.12 -5.36 -16.36
N LYS A 69 -0.26 -4.47 -17.28
CA LYS A 69 -1.51 -4.57 -18.02
C LYS A 69 -1.33 -5.20 -19.40
N ARG A 70 -0.07 -5.51 -19.74
CA ARG A 70 0.29 -6.03 -21.07
C ARG A 70 -0.38 -7.38 -21.34
N PHE A 71 -1.55 -7.31 -21.98
CA PHE A 71 -2.46 -8.45 -22.10
C PHE A 71 -2.73 -9.07 -20.74
N GLY A 72 -2.57 -10.38 -20.59
CA GLY A 72 -2.76 -11.02 -19.30
C GLY A 72 -1.46 -11.57 -18.70
N LEU A 73 -0.33 -11.12 -19.25
CA LEU A 73 0.97 -11.69 -18.92
C LEU A 73 1.63 -11.05 -17.69
N ASN A 74 1.08 -9.91 -17.25
CA ASN A 74 1.54 -9.20 -16.04
C ASN A 74 2.96 -8.61 -16.16
N ALA A 75 3.47 -8.57 -17.39
CA ALA A 75 4.79 -8.00 -17.69
C ALA A 75 4.88 -7.54 -19.15
N PHE A 76 5.95 -6.83 -19.48
CA PHE A 76 6.14 -6.25 -20.81
C PHE A 76 6.81 -7.19 -21.79
N LYS A 77 7.55 -8.17 -21.27
CA LYS A 77 8.46 -9.01 -22.07
C LYS A 77 7.81 -9.57 -23.33
N MET A 78 6.55 -9.95 -23.21
CA MET A 78 5.70 -10.40 -24.31
C MET A 78 5.94 -9.64 -25.62
N LEU A 79 6.13 -8.32 -25.52
CA LEU A 79 6.31 -7.44 -26.67
C LEU A 79 7.50 -7.80 -27.57
N GLY A 80 8.59 -8.25 -26.96
CA GLY A 80 9.78 -8.67 -27.69
C GLY A 80 9.66 -10.08 -28.24
N GLY A 81 9.51 -11.06 -27.35
CA GLY A 81 9.44 -12.48 -27.72
C GLY A 81 8.47 -12.83 -28.84
N ALA A 82 7.23 -12.35 -28.73
CA ALA A 82 6.19 -12.64 -29.72
C ALA A 82 6.48 -12.03 -31.09
N TYR A 83 7.17 -10.89 -31.11
CA TYR A 83 7.55 -10.23 -32.35
C TYR A 83 8.66 -10.98 -33.07
N ALA A 84 9.67 -11.39 -32.31
CA ALA A 84 10.81 -12.13 -32.83
C ALA A 84 10.38 -13.50 -33.37
N ILE A 85 9.49 -14.16 -32.63
CA ILE A 85 8.92 -15.43 -33.05
C ILE A 85 8.11 -15.29 -34.34
N ALA A 86 7.35 -14.21 -34.45
CA ALA A 86 6.61 -13.91 -35.68
C ALA A 86 7.55 -13.56 -36.83
N GLN A 87 8.61 -12.82 -36.55
CA GLN A 87 9.63 -12.48 -37.56
C GLN A 87 10.39 -13.70 -38.04
N LEU A 88 10.69 -14.62 -37.11
CA LEU A 88 11.45 -15.84 -37.41
C LEU A 88 10.68 -16.74 -38.37
N LEU A 89 9.36 -16.82 -38.17
CA LEU A 89 8.48 -17.59 -39.05
C LEU A 89 8.24 -16.90 -40.38
N CYS A 90 8.08 -15.58 -40.35
CA CYS A 90 7.90 -14.79 -41.57
C CYS A 90 9.14 -14.82 -42.47
N GLU A 91 10.30 -15.11 -41.88
CA GLU A 91 11.54 -15.32 -42.64
C GLU A 91 11.59 -16.75 -43.21
N LYS A 92 11.27 -17.74 -42.37
CA LYS A 92 11.33 -19.15 -42.75
C LYS A 92 10.23 -19.54 -43.74
N TYR A 93 9.05 -18.92 -43.61
CA TYR A 93 7.92 -19.23 -44.48
C TYR A 93 7.59 -18.13 -45.49
N HIS A 94 8.61 -17.33 -45.83
CA HIS A 94 8.53 -16.28 -46.86
C HIS A 94 7.23 -15.52 -46.85
N LEU A 95 7.07 -14.65 -45.86
CA LEU A 95 5.86 -13.84 -45.75
C LEU A 95 6.14 -12.37 -45.44
N ASP A 96 5.09 -11.55 -45.49
CA ASP A 96 5.18 -10.14 -45.12
C ASP A 96 4.60 -9.93 -43.72
N ILE A 97 5.28 -9.11 -42.92
CA ILE A 97 4.89 -8.87 -41.53
C ILE A 97 3.55 -8.14 -41.37
N GLU A 98 3.07 -7.53 -42.45
CA GLU A 98 1.80 -6.81 -42.45
C GLU A 98 0.57 -7.72 -42.39
N THR A 99 0.71 -8.93 -42.92
CA THR A 99 -0.36 -9.94 -42.87
C THR A 99 -0.14 -10.90 -41.71
N LEU A 100 -1.13 -11.01 -40.84
CA LEU A 100 -1.03 -11.83 -39.63
C LEU A 100 -2.10 -12.92 -39.56
N SER A 101 -2.07 -13.84 -40.53
CA SER A 101 -3.03 -14.94 -40.60
C SER A 101 -2.75 -16.00 -39.53
N PHE A 102 -3.82 -16.54 -38.95
CA PHE A 102 -3.72 -17.58 -37.94
C PHE A 102 -4.69 -18.72 -38.21
N MET A 113 9.37 -24.79 -35.30
CA MET A 113 8.25 -25.50 -34.69
C MET A 113 8.37 -25.57 -33.17
N THR A 114 9.59 -25.40 -32.66
CA THR A 114 9.85 -25.42 -31.22
C THR A 114 10.84 -24.33 -30.80
N PHE A 115 10.50 -23.59 -29.74
CA PHE A 115 11.30 -22.45 -29.30
C PHE A 115 11.85 -22.65 -27.89
N ALA A 116 13.17 -22.53 -27.75
CA ALA A 116 13.85 -22.74 -26.47
C ALA A 116 14.45 -21.45 -25.92
N THR A 117 14.42 -21.30 -24.60
CA THR A 117 14.98 -20.14 -23.92
C THR A 117 15.16 -20.34 -22.41
N THR A 118 16.11 -19.62 -21.84
CA THR A 118 16.27 -19.56 -20.39
C THR A 118 15.67 -18.26 -19.87
N THR A 119 14.94 -18.35 -18.76
CA THR A 119 14.33 -17.20 -18.12
C THR A 119 14.22 -17.38 -16.61
N ASP A 120 14.32 -16.27 -15.87
CA ASP A 120 14.03 -16.29 -14.44
C ASP A 120 12.58 -15.86 -14.18
N GLY A 121 11.81 -15.72 -15.26
CA GLY A 121 10.38 -15.42 -15.14
C GLY A 121 9.65 -14.93 -16.39
N ASN A 122 9.78 -13.65 -16.69
CA ASN A 122 8.90 -12.98 -17.66
C ASN A 122 9.12 -13.32 -19.12
N HIS A 123 10.38 -13.34 -19.56
CA HIS A 123 10.73 -13.57 -20.96
C HIS A 123 10.24 -14.90 -21.48
N GLY A 124 10.39 -15.93 -20.67
CA GLY A 124 9.93 -17.29 -21.02
C GLY A 124 8.42 -17.38 -21.07
N ARG A 125 7.74 -16.64 -20.19
CA ARG A 125 6.29 -16.56 -20.22
C ARG A 125 5.82 -15.95 -21.54
N GLY A 126 6.54 -14.94 -22.01
CA GLY A 126 6.25 -14.30 -23.30
C GLY A 126 6.42 -15.26 -24.46
N VAL A 127 7.52 -16.01 -24.44
CA VAL A 127 7.84 -17.02 -25.45
C VAL A 127 6.85 -18.19 -25.41
N ALA A 128 6.42 -18.56 -24.20
CA ALA A 128 5.44 -19.63 -24.01
C ALA A 128 4.07 -19.23 -24.55
N TRP A 129 3.68 -17.99 -24.26
CA TRP A 129 2.40 -17.43 -24.69
C TRP A 129 2.31 -17.32 -26.18
N ALA A 130 3.40 -16.88 -26.80
CA ALA A 130 3.46 -16.72 -28.24
C ALA A 130 3.41 -18.07 -28.96
N ALA A 131 4.07 -19.07 -28.38
CA ALA A 131 4.09 -20.43 -28.93
C ALA A 131 2.69 -21.03 -28.94
N GLN A 132 1.96 -20.85 -27.84
CA GLN A 132 0.59 -21.30 -27.71
C GLN A 132 -0.31 -20.60 -28.74
N GLN A 133 -0.12 -19.30 -28.89
CA GLN A 133 -0.90 -18.48 -29.83
C GLN A 133 -0.68 -18.87 -31.29
N LEU A 134 0.49 -19.44 -31.59
CA LEU A 134 0.85 -19.80 -32.95
C LEU A 134 0.96 -21.31 -33.16
N GLY A 135 0.40 -22.07 -32.22
CA GLY A 135 0.33 -23.53 -32.31
C GLY A 135 1.64 -24.28 -32.14
N GLN A 136 2.75 -23.55 -32.11
CA GLN A 136 4.08 -24.15 -31.99
C GLN A 136 4.41 -24.53 -30.54
N ASN A 137 5.50 -25.28 -30.37
CA ASN A 137 5.94 -25.78 -29.07
C ASN A 137 6.98 -24.85 -28.42
N ALA A 138 7.19 -25.04 -27.12
CA ALA A 138 8.20 -24.30 -26.36
C ALA A 138 8.76 -25.09 -25.18
N VAL A 139 10.09 -25.09 -25.07
CA VAL A 139 10.80 -25.68 -23.95
C VAL A 139 11.57 -24.56 -23.23
N ILE A 140 11.23 -24.31 -21.97
CA ILE A 140 11.77 -23.17 -21.23
C ILE A 140 12.56 -23.61 -19.99
N TYR A 141 13.81 -23.18 -19.93
CA TYR A 141 14.71 -23.51 -18.82
C TYR A 141 14.74 -22.40 -17.77
N MET A 142 14.78 -22.79 -16.50
CA MET A 142 14.82 -21.84 -15.39
C MET A 142 15.89 -22.22 -14.37
N PRO A 143 16.61 -21.22 -13.83
CA PRO A 143 17.67 -21.48 -12.84
C PRO A 143 17.12 -21.89 -11.47
N LYS A 144 18.00 -22.44 -10.63
CA LYS A 144 17.63 -22.87 -9.28
C LYS A 144 17.17 -21.68 -8.42
N GLY A 145 16.20 -21.94 -7.55
CA GLY A 145 15.67 -20.92 -6.65
C GLY A 145 14.48 -20.16 -7.21
N SER A 146 14.22 -20.34 -8.50
CA SER A 146 13.10 -19.67 -9.19
C SER A 146 11.76 -20.03 -8.58
N ALA A 147 10.86 -19.05 -8.51
CA ALA A 147 9.55 -19.21 -7.87
C ALA A 147 8.69 -20.24 -8.60
N GLN A 148 7.95 -21.03 -7.83
CA GLN A 148 7.07 -22.06 -8.38
C GLN A 148 5.93 -21.44 -9.20
N GLU A 149 5.37 -20.34 -8.71
CA GLU A 149 4.29 -19.62 -9.39
C GLU A 149 4.69 -19.25 -10.81
N ARG A 150 5.96 -18.90 -10.99
CA ARG A 150 6.51 -18.54 -12.30
C ARG A 150 6.72 -19.75 -13.20
N VAL A 151 7.04 -20.89 -12.57
CA VAL A 151 7.10 -22.18 -13.27
C VAL A 151 5.69 -22.56 -13.71
N ASP A 152 4.75 -22.52 -12.76
CA ASP A 152 3.36 -22.91 -12.97
C ASP A 152 2.67 -22.13 -14.10
N ALA A 153 3.06 -20.86 -14.24
CA ALA A 153 2.48 -19.97 -15.24
C ALA A 153 2.93 -20.33 -16.66
N ILE A 154 4.13 -20.88 -16.75
CA ILE A 154 4.70 -21.35 -18.02
C ILE A 154 4.06 -22.68 -18.42
N LEU A 155 3.85 -23.57 -17.45
CA LEU A 155 3.11 -24.83 -17.65
C LEU A 155 1.64 -24.54 -17.95
N ASN A 156 1.12 -23.48 -17.35
CA ASN A 156 -0.25 -23.01 -17.59
C ASN A 156 -0.51 -22.62 -19.05
N LEU A 157 0.55 -22.26 -19.77
CA LEU A 157 0.45 -21.89 -21.17
C LEU A 157 0.69 -23.08 -22.10
N GLY A 158 1.04 -24.24 -21.50
CA GLY A 158 1.20 -25.48 -22.25
C GLY A 158 2.60 -25.71 -22.79
N ALA A 159 3.59 -25.20 -22.09
CA ALA A 159 5.00 -25.38 -22.48
C ALA A 159 5.71 -26.35 -21.53
N GLU A 160 6.92 -26.74 -21.89
CA GLU A 160 7.76 -27.56 -21.04
C GLU A 160 8.68 -26.68 -20.21
N CYS A 161 8.62 -26.82 -18.89
CA CYS A 161 9.44 -26.01 -18.00
C CYS A 161 10.32 -26.87 -17.12
N ILE A 162 11.63 -26.67 -17.21
CA ILE A 162 12.60 -27.42 -16.42
C ILE A 162 13.42 -26.52 -15.51
N VAL A 163 13.39 -26.81 -14.21
CA VAL A 163 14.18 -26.09 -13.22
C VAL A 163 15.49 -26.82 -12.97
N THR A 164 16.61 -26.11 -13.14
CA THR A 164 17.94 -26.70 -13.04
C THR A 164 18.56 -26.54 -11.65
N ASP A 165 19.86 -26.82 -11.55
CA ASP A 165 20.60 -26.69 -10.30
C ASP A 165 21.71 -25.63 -10.39
N MET A 166 21.75 -24.91 -11.50
CA MET A 166 22.82 -23.94 -11.76
C MET A 166 22.28 -22.52 -12.00
N ASN A 167 23.17 -21.54 -11.89
CA ASN A 167 22.82 -20.13 -12.10
C ASN A 167 22.44 -19.83 -13.55
N TYR A 168 21.76 -18.70 -13.76
CA TYR A 168 21.22 -18.30 -15.06
C TYR A 168 22.24 -18.32 -16.21
N ASP A 169 23.45 -17.87 -15.93
CA ASP A 169 24.54 -17.86 -16.92
C ASP A 169 24.96 -19.29 -17.29
N ASP A 170 25.01 -20.16 -16.29
CA ASP A 170 25.31 -21.58 -16.51
C ASP A 170 24.13 -22.30 -17.17
N THR A 171 22.91 -21.87 -16.82
CA THR A 171 21.68 -22.45 -17.37
C THR A 171 21.50 -22.06 -18.85
N VAL A 172 21.98 -20.88 -19.21
CA VAL A 172 21.93 -20.40 -20.60
C VAL A 172 22.75 -21.28 -21.54
N ARG A 173 23.86 -21.81 -21.04
CA ARG A 173 24.69 -22.76 -21.79
C ARG A 173 23.96 -24.10 -22.01
N LEU A 174 23.21 -24.53 -21.01
CA LEU A 174 22.43 -25.77 -21.07
C LEU A 174 21.36 -25.72 -22.16
N THR A 175 20.72 -24.55 -22.28
CA THR A 175 19.69 -24.31 -23.31
C THR A 175 20.33 -24.31 -24.71
N MET A 176 21.55 -23.79 -24.80
CA MET A 176 22.30 -23.73 -26.06
C MET A 176 22.70 -25.13 -26.56
N GLN A 177 23.28 -25.93 -25.66
CA GLN A 177 23.74 -27.28 -25.97
C GLN A 177 22.60 -28.24 -26.26
N HIS A 178 21.41 -27.95 -25.72
CA HIS A 178 20.23 -28.77 -25.95
C HIS A 178 19.53 -28.42 -27.23
N ALA A 179 19.51 -27.14 -27.56
CA ALA A 179 18.83 -26.65 -28.77
C ALA A 179 19.56 -26.99 -30.06
N GLN A 180 20.89 -27.06 -29.98
CA GLN A 180 21.73 -27.41 -31.13
C GLN A 180 21.78 -28.93 -31.35
N GLN A 181 21.52 -29.69 -30.29
CA GLN A 181 21.56 -31.15 -30.33
C GLN A 181 20.19 -31.79 -30.63
N HIS A 182 19.12 -31.02 -30.44
CA HIS A 182 17.76 -31.52 -30.69
C HIS A 182 17.12 -30.89 -31.90
N GLY A 183 17.46 -29.63 -32.16
CA GLY A 183 16.95 -28.91 -33.33
C GLY A 183 15.99 -27.78 -33.00
N TRP A 184 16.05 -27.29 -31.76
CA TRP A 184 15.20 -26.17 -31.34
C TRP A 184 15.72 -24.86 -31.84
N GLU A 185 14.82 -23.88 -31.92
CA GLU A 185 15.20 -22.49 -32.25
C GLU A 185 15.28 -21.67 -30.97
N VAL A 186 16.48 -21.16 -30.68
CA VAL A 186 16.72 -20.38 -29.46
C VAL A 186 16.13 -18.99 -29.61
N VAL A 187 15.14 -18.67 -28.77
CA VAL A 187 14.58 -17.32 -28.72
C VAL A 187 14.99 -16.68 -27.38
N GLN A 188 16.26 -16.33 -27.30
CA GLN A 188 16.86 -15.81 -26.08
C GLN A 188 16.97 -14.29 -26.16
N ASP A 189 16.70 -13.63 -25.04
CA ASP A 189 16.64 -12.17 -25.01
C ASP A 189 17.98 -11.45 -24.91
N THR A 190 19.07 -12.20 -24.97
CA THR A 190 20.42 -11.63 -25.00
C THR A 190 21.21 -12.08 -26.24
N ALA A 191 22.17 -11.25 -26.64
CA ALA A 191 23.01 -11.55 -27.79
C ALA A 191 24.38 -12.05 -27.36
N TRP A 192 25.04 -12.76 -28.27
CA TRP A 192 26.43 -13.18 -28.14
C TRP A 192 26.98 -13.46 -29.51
N GLU A 193 28.30 -13.58 -29.62
CA GLU A 193 28.95 -13.84 -30.91
C GLU A 193 28.30 -15.03 -31.65
N GLY A 194 27.72 -14.73 -32.81
CA GLY A 194 27.04 -15.75 -33.62
C GLY A 194 25.56 -15.87 -33.33
N TYR A 195 25.00 -14.86 -32.66
CA TYR A 195 23.60 -14.83 -32.27
C TYR A 195 23.17 -13.40 -31.96
N THR A 196 22.60 -12.72 -32.95
CA THR A 196 22.20 -11.32 -32.81
C THR A 196 20.84 -11.01 -33.44
N LYS A 197 20.45 -11.84 -34.41
CA LYS A 197 19.25 -11.64 -35.22
C LYS A 197 17.97 -11.54 -34.37
N ILE A 198 17.78 -12.51 -33.49
CA ILE A 198 16.58 -12.58 -32.65
C ILE A 198 16.55 -11.49 -31.55
N PRO A 199 17.65 -11.34 -30.77
CA PRO A 199 17.69 -10.26 -29.77
C PRO A 199 17.44 -8.87 -30.35
N THR A 200 17.88 -8.63 -31.59
CA THR A 200 17.59 -7.37 -32.28
C THR A 200 16.09 -7.17 -32.41
N TRP A 201 15.39 -8.19 -32.91
CA TRP A 201 13.94 -8.14 -33.06
C TRP A 201 13.25 -7.98 -31.74
N ILE A 202 13.76 -8.64 -30.72
CA ILE A 202 13.20 -8.53 -29.36
C ILE A 202 13.23 -7.07 -28.87
N MET A 203 14.40 -6.44 -28.93
CA MET A 203 14.55 -5.03 -28.55
C MET A 203 13.65 -4.10 -29.36
N GLN A 204 13.52 -4.39 -30.65
CA GLN A 204 12.60 -3.64 -31.51
C GLN A 204 11.16 -3.85 -31.08
N GLY A 205 10.80 -5.08 -30.72
CA GLY A 205 9.48 -5.38 -30.23
C GLY A 205 9.13 -4.66 -28.94
N TYR A 206 10.12 -4.46 -28.09
CA TYR A 206 9.95 -3.74 -26.82
C TYR A 206 9.52 -2.31 -27.02
N ALA A 207 10.04 -1.67 -28.07
CA ALA A 207 9.88 -0.24 -28.31
C ALA A 207 8.43 0.20 -28.42
N THR A 208 7.53 -0.74 -28.70
CA THR A 208 6.09 -0.51 -28.68
C THR A 208 5.65 0.27 -27.44
N LEU A 209 6.15 -0.11 -26.27
CA LEU A 209 5.81 0.57 -25.02
C LEU A 209 6.29 2.03 -24.99
N ALA A 210 7.44 2.29 -25.62
CA ALA A 210 7.94 3.65 -25.72
C ALA A 210 7.12 4.43 -26.73
N ASP A 211 6.71 3.76 -27.80
CA ASP A 211 5.84 4.37 -28.80
C ASP A 211 4.48 4.72 -28.22
N GLU A 212 3.92 3.80 -27.44
CA GLU A 212 2.67 4.06 -26.72
C GLU A 212 2.82 5.24 -25.78
N ALA A 213 3.87 5.19 -24.94
CA ALA A 213 4.14 6.24 -23.95
C ALA A 213 4.31 7.62 -24.58
N VAL A 214 4.92 7.68 -25.76
CA VAL A 214 5.12 8.95 -26.46
C VAL A 214 3.77 9.52 -26.95
N GLU A 215 2.97 8.68 -27.60
CA GLU A 215 1.60 9.05 -27.98
C GLU A 215 0.78 9.46 -26.76
N GLN A 216 0.97 8.73 -25.66
CA GLN A 216 0.28 9.02 -24.39
C GLN A 216 0.74 10.33 -23.76
N MET A 217 2.02 10.67 -23.90
CA MET A 217 2.57 11.92 -23.38
C MET A 217 2.16 13.13 -24.19
N ARG A 218 2.06 12.96 -25.51
CA ARG A 218 1.60 14.02 -26.40
C ARG A 218 0.14 14.36 -26.15
N GLU A 219 -0.66 13.34 -25.82
CA GLU A 219 -2.05 13.52 -25.44
C GLU A 219 -2.15 14.29 -24.12
N MET A 220 -1.16 14.08 -23.26
CA MET A 220 -1.05 14.85 -22.01
C MET A 220 -0.55 16.25 -22.28
N GLY A 221 0.19 16.41 -23.38
CA GLY A 221 0.76 17.69 -23.76
C GLY A 221 2.03 18.02 -23.01
N VAL A 222 2.76 16.98 -22.61
CA VAL A 222 4.02 17.15 -21.88
C VAL A 222 5.21 16.65 -22.69
N THR A 223 6.40 17.09 -22.30
CA THR A 223 7.64 16.63 -22.88
C THR A 223 8.55 16.10 -21.77
N PRO A 224 8.88 14.79 -21.80
CA PRO A 224 9.72 14.19 -20.77
C PRO A 224 11.15 14.72 -20.82
N THR A 225 11.66 15.17 -19.67
CA THR A 225 13.04 15.61 -19.55
C THR A 225 13.92 14.45 -19.12
N HIS A 226 13.33 13.52 -18.38
CA HIS A 226 14.04 12.38 -17.83
C HIS A 226 13.40 11.07 -18.20
N VAL A 227 14.20 10.01 -18.21
CA VAL A 227 13.69 8.65 -18.22
C VAL A 227 14.57 7.78 -17.32
N LEU A 228 13.91 6.91 -16.55
CA LEU A 228 14.59 5.93 -15.71
C LEU A 228 14.32 4.53 -16.27
N LEU A 229 15.39 3.82 -16.60
CA LEU A 229 15.27 2.47 -17.16
C LEU A 229 16.05 1.43 -16.35
N GLN A 230 15.34 0.46 -15.77
CA GLN A 230 15.99 -0.66 -15.09
C GLN A 230 16.71 -1.52 -16.12
N ALA A 231 17.81 -2.14 -15.70
CA ALA A 231 18.58 -2.97 -16.61
C ALA A 231 19.00 -4.30 -15.97
N GLY A 232 18.81 -5.38 -16.74
CA GLY A 232 19.37 -6.68 -16.39
C GLY A 232 20.54 -6.91 -17.33
N VAL A 233 20.25 -7.45 -18.51
CA VAL A 233 21.26 -7.50 -19.58
C VAL A 233 21.24 -6.22 -20.43
N GLY A 234 20.18 -5.41 -20.27
CA GLY A 234 20.06 -4.13 -20.96
C GLY A 234 19.35 -4.15 -22.30
N ALA A 235 18.57 -5.21 -22.55
CA ALA A 235 17.80 -5.34 -23.80
C ALA A 235 16.65 -4.34 -23.88
N MET A 236 15.91 -4.19 -22.78
CA MET A 236 14.83 -3.20 -22.69
C MET A 236 15.38 -1.78 -22.68
N ALA A 237 16.35 -1.52 -21.80
CA ALA A 237 16.99 -0.22 -21.73
C ALA A 237 17.46 0.20 -23.13
N GLY A 238 18.20 -0.69 -23.80
CA GLY A 238 18.70 -0.43 -25.14
C GLY A 238 17.62 -0.11 -26.16
N GLY A 239 16.61 -0.97 -26.23
CA GLY A 239 15.54 -0.83 -27.21
C GLY A 239 14.68 0.39 -26.97
N VAL A 240 14.34 0.62 -25.69
CA VAL A 240 13.49 1.75 -25.33
C VAL A 240 14.27 3.08 -25.39
N LEU A 241 15.52 3.09 -24.91
CA LEU A 241 16.31 4.30 -25.00
C LEU A 241 16.55 4.71 -26.44
N GLY A 242 16.95 3.72 -27.27
CA GLY A 242 17.21 3.94 -28.69
C GLY A 242 16.03 4.55 -29.43
N TYR A 243 14.83 4.18 -29.01
CA TYR A 243 13.61 4.75 -29.59
C TYR A 243 13.39 6.17 -29.08
N LEU A 244 13.49 6.34 -27.76
CA LEU A 244 13.20 7.63 -27.13
C LEU A 244 14.16 8.72 -27.61
N VAL A 245 15.43 8.37 -27.76
CA VAL A 245 16.44 9.33 -28.23
C VAL A 245 16.29 9.63 -29.72
N ASP A 246 15.69 8.71 -30.47
CA ASP A 246 15.32 8.96 -31.86
C ASP A 246 14.17 9.98 -31.92
N VAL A 247 13.31 9.96 -30.91
CA VAL A 247 12.19 10.91 -30.82
C VAL A 247 12.61 12.24 -30.19
N TYR A 248 13.32 12.17 -29.07
CA TYR A 248 13.62 13.35 -28.23
C TYR A 248 15.07 13.85 -28.25
N SER A 249 15.92 13.21 -29.05
CA SER A 249 17.36 13.48 -29.08
C SER A 249 18.10 13.01 -27.82
N PRO A 250 19.30 12.43 -27.98
CA PRO A 250 20.13 11.95 -26.85
C PRO A 250 20.56 13.07 -25.90
N GLN A 251 20.56 14.30 -26.42
CA GLN A 251 21.06 15.47 -25.69
C GLN A 251 20.00 16.08 -24.77
N ASN A 252 18.74 16.00 -25.17
CA ASN A 252 17.64 16.65 -24.43
C ASN A 252 16.76 15.69 -23.65
N LEU A 253 17.30 14.49 -23.41
CA LEU A 253 16.64 13.50 -22.57
C LEU A 253 17.67 12.96 -21.59
N HIS A 254 17.44 13.22 -20.31
CA HIS A 254 18.33 12.78 -19.26
C HIS A 254 17.98 11.37 -18.86
N SER A 255 18.68 10.42 -19.49
CA SER A 255 18.42 9.01 -19.27
C SER A 255 19.27 8.41 -18.15
N ILE A 256 18.60 7.75 -17.21
CA ILE A 256 19.27 7.15 -16.07
C ILE A 256 19.02 5.64 -16.06
N ILE A 257 20.10 4.87 -16.18
CA ILE A 257 20.01 3.40 -16.16
C ILE A 257 20.19 2.92 -14.73
N VAL A 258 19.25 2.10 -14.25
CA VAL A 258 19.21 1.64 -12.87
C VAL A 258 19.47 0.13 -12.75
N GLU A 259 20.52 -0.24 -12.02
CA GLU A 259 20.83 -1.63 -11.77
C GLU A 259 20.95 -1.94 -10.29
N PRO A 260 20.61 -3.19 -9.89
CA PRO A 260 20.84 -3.67 -8.53
C PRO A 260 22.33 -3.72 -8.17
N ASP A 261 22.62 -3.61 -6.89
CA ASP A 261 23.98 -3.54 -6.38
C ASP A 261 24.82 -4.77 -6.71
N LYS A 262 24.21 -5.95 -6.67
CA LYS A 262 24.92 -7.23 -6.77
C LYS A 262 25.03 -7.75 -8.20
N ALA A 263 24.44 -7.03 -9.15
CA ALA A 263 24.48 -7.41 -10.56
C ALA A 263 24.57 -6.19 -11.49
N ASP A 264 25.38 -5.22 -11.09
CA ASP A 264 25.53 -3.97 -11.83
C ASP A 264 26.55 -4.08 -12.98
N CYS A 265 26.26 -4.94 -13.94
CA CYS A 265 27.18 -5.20 -15.04
C CYS A 265 27.33 -4.01 -15.98
N ILE A 266 26.21 -3.35 -16.27
CA ILE A 266 26.21 -2.22 -17.21
C ILE A 266 26.86 -0.97 -16.59
N TYR A 267 26.62 -0.77 -15.30
CA TYR A 267 27.28 0.28 -14.52
C TYR A 267 28.80 0.08 -14.55
N ARG A 268 29.23 -1.12 -14.17
CA ARG A 268 30.66 -1.46 -14.14
C ARG A 268 31.28 -1.47 -15.55
N SER A 269 30.45 -1.70 -16.56
CA SER A 269 30.87 -1.59 -17.97
C SER A 269 31.04 -0.13 -18.37
N GLY A 270 30.09 0.72 -17.96
CA GLY A 270 30.18 2.16 -18.18
C GLY A 270 31.33 2.80 -17.42
N VAL A 271 31.63 2.24 -16.25
CA VAL A 271 32.73 2.71 -15.42
C VAL A 271 34.09 2.43 -16.07
N LYS A 272 34.20 1.26 -16.71
CA LYS A 272 35.46 0.81 -17.31
C LYS A 272 35.62 1.25 -18.77
N GLY A 273 34.56 1.09 -19.55
CA GLY A 273 34.57 1.37 -20.98
C GLY A 273 34.24 0.14 -21.79
N ASP A 274 34.90 -0.97 -21.46
CA ASP A 274 34.62 -2.26 -22.08
C ASP A 274 33.63 -3.07 -21.24
N ILE A 275 33.17 -4.19 -21.79
CA ILE A 275 32.25 -5.11 -21.12
C ILE A 275 32.87 -5.67 -19.83
N VAL A 276 32.18 -5.47 -18.71
CA VAL A 276 32.64 -5.96 -17.41
C VAL A 276 31.53 -6.68 -16.66
N ILE A 285 19.29 -11.91 -5.60
CA ILE A 285 18.81 -10.56 -5.93
C ILE A 285 17.57 -10.59 -6.84
N MET A 286 16.86 -9.47 -6.89
CA MET A 286 15.66 -9.29 -7.73
C MET A 286 15.73 -9.94 -9.11
N ALA A 287 14.96 -11.01 -9.28
CA ALA A 287 14.90 -11.77 -10.53
C ALA A 287 14.46 -10.86 -11.69
N GLY A 288 15.19 -10.94 -12.80
CA GLY A 288 14.92 -10.07 -13.94
C GLY A 288 16.06 -9.11 -14.20
N LEU A 289 16.74 -8.69 -13.14
CA LEU A 289 17.81 -7.71 -13.27
C LEU A 289 19.21 -8.31 -13.05
N ALA A 290 19.25 -9.62 -12.83
CA ALA A 290 20.51 -10.38 -12.78
C ALA A 290 21.20 -10.28 -14.14
N CYS A 291 22.54 -10.35 -14.13
CA CYS A 291 23.28 -10.09 -15.37
C CYS A 291 24.38 -11.10 -15.68
N GLY A 292 25.51 -10.98 -14.98
CA GLY A 292 26.72 -11.69 -15.36
C GLY A 292 27.40 -10.98 -16.52
N GLU A 293 26.91 -11.22 -17.73
CA GLU A 293 27.42 -10.56 -18.93
C GLU A 293 26.33 -9.73 -19.63
N PRO A 294 26.62 -8.44 -19.92
CA PRO A 294 25.68 -7.52 -20.58
C PRO A 294 25.42 -7.89 -22.03
N ASN A 295 24.21 -7.59 -22.50
CA ASN A 295 23.82 -7.76 -23.90
C ASN A 295 24.53 -6.71 -24.76
N PRO A 296 25.37 -7.16 -25.72
CA PRO A 296 26.20 -6.25 -26.53
C PRO A 296 25.38 -5.27 -27.37
N LEU A 297 24.25 -5.71 -27.91
CA LEU A 297 23.35 -4.84 -28.65
C LEU A 297 22.77 -3.74 -27.77
N GLY A 298 22.43 -4.09 -26.53
CA GLY A 298 21.89 -3.13 -25.57
C GLY A 298 22.96 -2.16 -25.09
N TRP A 299 24.08 -2.73 -24.65
CA TRP A 299 25.23 -1.98 -24.16
C TRP A 299 25.63 -0.88 -25.11
N GLU A 300 25.81 -1.23 -26.38
CA GLU A 300 26.20 -0.28 -27.42
C GLU A 300 25.32 0.98 -27.45
N ILE A 301 24.01 0.83 -27.25
CA ILE A 301 23.08 1.95 -27.24
C ILE A 301 23.23 2.77 -25.94
N LEU A 302 23.35 2.08 -24.82
CA LEU A 302 23.48 2.74 -23.52
C LEU A 302 24.82 3.46 -23.41
N ARG A 303 25.88 2.81 -23.87
CA ARG A 303 27.20 3.42 -23.94
C ARG A 303 27.18 4.71 -24.77
N ASN A 304 26.38 4.72 -25.82
CA ASN A 304 26.25 5.88 -26.71
C ASN A 304 25.38 7.02 -26.17
N CYS A 305 24.22 6.68 -25.63
CA CYS A 305 23.15 7.66 -25.41
C CYS A 305 22.69 7.80 -23.96
N ALA A 306 23.03 6.84 -23.10
CA ALA A 306 22.67 6.92 -21.68
C ALA A 306 23.46 8.01 -20.97
N THR A 307 22.75 8.84 -20.21
CA THR A 307 23.32 10.00 -19.53
C THR A 307 24.08 9.59 -18.27
N GLN A 308 23.45 8.77 -17.43
CA GLN A 308 24.03 8.31 -16.18
C GLN A 308 23.69 6.84 -15.90
N PHE A 309 24.50 6.21 -15.05
CA PHE A 309 24.21 4.86 -14.57
C PHE A 309 24.11 4.88 -13.05
N ILE A 310 23.10 4.21 -12.51
CA ILE A 310 22.94 4.09 -11.07
C ILE A 310 23.10 2.64 -10.63
N SER A 311 23.91 2.44 -9.60
CA SER A 311 24.01 1.16 -8.91
C SER A 311 23.41 1.33 -7.53
N CYS A 312 22.27 0.68 -7.29
CA CYS A 312 21.52 0.89 -6.06
C CYS A 312 21.33 -0.37 -5.24
N GLN A 313 21.10 -0.16 -3.95
CA GLN A 313 20.86 -1.22 -2.99
C GLN A 313 19.57 -2.00 -3.27
N ASP A 314 19.55 -3.26 -2.85
CA ASP A 314 18.40 -4.16 -2.99
C ASP A 314 17.10 -3.54 -2.48
N SER A 315 17.16 -2.92 -1.31
CA SER A 315 15.97 -2.37 -0.65
C SER A 315 15.35 -1.15 -1.35
N VAL A 316 16.06 -0.62 -2.35
CA VAL A 316 15.53 0.51 -3.15
C VAL A 316 14.34 0.05 -4.00
N ALA A 317 14.45 -1.16 -4.54
CA ALA A 317 13.34 -1.77 -5.29
C ALA A 317 12.12 -2.01 -4.38
N ALA A 318 12.36 -2.63 -3.23
CA ALA A 318 11.32 -2.85 -2.23
C ALA A 318 10.53 -1.57 -1.90
N LEU A 319 11.25 -0.46 -1.70
CA LEU A 319 10.63 0.86 -1.46
C LEU A 319 9.72 1.28 -2.60
N GLY A 320 10.22 1.15 -3.83
CA GLY A 320 9.45 1.45 -5.04
C GLY A 320 8.12 0.73 -5.08
N MET A 321 8.15 -0.58 -4.78
CA MET A 321 6.96 -1.42 -4.82
C MET A 321 5.90 -0.89 -3.85
N ARG A 322 6.35 -0.52 -2.67
CA ARG A 322 5.47 0.00 -1.62
C ARG A 322 4.90 1.37 -1.98
N VAL A 323 5.73 2.28 -2.47
CA VAL A 323 5.27 3.61 -2.91
C VAL A 323 4.25 3.50 -4.04
N LEU A 324 4.51 2.63 -5.01
CA LEU A 324 3.59 2.43 -6.14
C LEU A 324 2.28 1.73 -5.74
N GLY A 325 2.38 0.72 -4.86
CA GLY A 325 1.23 -0.05 -4.40
C GLY A 325 0.36 0.62 -3.35
N ASN A 326 0.91 1.61 -2.65
CA ASN A 326 0.15 2.46 -1.75
C ASN A 326 0.48 3.92 -2.06
N PRO A 327 -0.23 4.52 -3.03
CA PRO A 327 0.14 5.85 -3.54
C PRO A 327 -0.14 7.00 -2.56
N TYR A 328 0.35 8.18 -2.92
CA TYR A 328 0.26 9.37 -2.08
C TYR A 328 -0.89 10.21 -2.59
N GLY A 329 -1.57 10.90 -1.69
CA GLY A 329 -2.66 11.77 -2.05
C GLY A 329 -3.75 11.01 -2.77
N ASN A 330 -4.06 11.45 -3.98
CA ASN A 330 -5.08 10.80 -4.80
C ASN A 330 -4.54 10.09 -6.05
N ASP A 331 -3.22 9.89 -6.10
CA ASP A 331 -2.57 9.26 -7.25
C ASP A 331 -3.10 7.85 -7.51
N PRO A 332 -3.09 7.41 -8.78
CA PRO A 332 -3.54 6.06 -9.10
C PRO A 332 -2.58 5.01 -8.53
N ARG A 333 -3.15 3.91 -8.05
CA ARG A 333 -2.37 2.82 -7.46
C ARG A 333 -1.81 1.95 -8.58
N ILE A 334 -0.59 1.46 -8.40
CA ILE A 334 0.04 0.57 -9.39
C ILE A 334 0.65 -0.64 -8.70
N ILE A 335 0.36 -1.83 -9.24
CA ILE A 335 0.95 -3.08 -8.75
C ILE A 335 2.26 -3.32 -9.47
N SER A 336 3.38 -3.26 -8.75
CA SER A 336 4.71 -3.32 -9.34
C SER A 336 5.64 -4.29 -8.61
N GLY A 337 6.25 -5.20 -9.37
CA GLY A 337 7.16 -6.21 -8.82
C GLY A 337 8.57 -5.70 -8.59
N GLU A 338 9.42 -6.55 -8.01
CA GLU A 338 10.74 -6.11 -7.56
C GLU A 338 11.57 -5.46 -8.68
N SER A 339 11.64 -6.12 -9.82
CA SER A 339 12.34 -5.59 -11.00
C SER A 339 11.56 -4.47 -11.69
N GLY A 340 10.26 -4.38 -11.41
CA GLY A 340 9.40 -3.39 -12.04
C GLY A 340 9.44 -2.02 -11.40
N ALA A 341 9.76 -1.95 -10.11
CA ALA A 341 9.54 -0.75 -9.32
C ALA A 341 10.81 0.03 -8.95
N VAL A 342 11.97 -0.48 -9.37
CA VAL A 342 13.26 0.03 -8.92
C VAL A 342 13.61 1.45 -9.42
N GLY A 343 13.09 1.82 -10.59
CA GLY A 343 13.28 3.15 -11.14
C GLY A 343 12.54 4.18 -10.29
N LEU A 344 11.30 3.86 -9.95
CA LEU A 344 10.50 4.70 -9.09
C LEU A 344 11.09 4.75 -7.68
N GLY A 345 11.62 3.62 -7.22
CA GLY A 345 12.26 3.52 -5.92
C GLY A 345 13.45 4.47 -5.77
N VAL A 346 14.26 4.57 -6.82
CA VAL A 346 15.40 5.51 -6.86
C VAL A 346 14.93 6.91 -6.50
N LEU A 347 13.88 7.39 -7.18
CA LEU A 347 13.26 8.68 -6.87
C LEU A 347 12.83 8.80 -5.41
N ALA A 348 12.24 7.74 -4.87
CA ALA A 348 11.81 7.71 -3.46
C ALA A 348 13.00 7.68 -2.49
N ALA A 349 14.02 6.90 -2.82
CA ALA A 349 15.25 6.82 -2.02
C ALA A 349 16.00 8.15 -2.00
N VAL A 350 15.96 8.87 -3.12
CA VAL A 350 16.59 10.18 -3.23
C VAL A 350 15.86 11.21 -2.36
N HIS A 351 14.54 11.12 -2.32
CA HIS A 351 13.72 12.05 -1.54
C HIS A 351 14.01 12.01 -0.06
N TYR A 352 14.18 10.81 0.48
CA TYR A 352 14.40 10.64 1.91
C TYR A 352 15.88 10.60 2.33
N HIS A 353 16.78 10.73 1.37
CA HIS A 353 18.22 10.76 1.63
C HIS A 353 18.64 12.08 2.23
N PRO A 354 19.55 12.05 3.23
CA PRO A 354 20.02 13.32 3.79
C PRO A 354 20.67 14.22 2.73
N GLN A 355 21.34 13.61 1.75
CA GLN A 355 21.96 14.32 0.64
C GLN A 355 21.00 14.57 -0.54
N ARG A 356 19.70 14.64 -0.24
CA ARG A 356 18.68 14.86 -1.27
C ARG A 356 19.05 15.98 -2.24
N GLN A 357 19.38 17.17 -1.71
CA GLN A 357 19.71 18.33 -2.55
C GLN A 357 20.78 18.02 -3.61
N SER A 358 21.90 17.45 -3.17
CA SER A 358 23.01 17.16 -4.08
C SER A 358 22.71 15.98 -5.01
N LEU A 359 21.89 15.05 -4.54
CA LEU A 359 21.45 13.91 -5.38
C LEU A 359 20.52 14.37 -6.49
N MET A 360 19.54 15.21 -6.13
CA MET A 360 18.64 15.84 -7.10
C MET A 360 19.38 16.69 -8.14
N GLU A 361 20.41 17.42 -7.71
CA GLU A 361 21.21 18.25 -8.64
C GLU A 361 22.01 17.41 -9.63
N LYS A 362 22.70 16.40 -9.10
CA LYS A 362 23.44 15.43 -9.90
C LYS A 362 22.58 14.76 -10.99
N LEU A 363 21.33 14.44 -10.65
CA LEU A 363 20.39 13.83 -11.62
C LEU A 363 19.60 14.88 -12.42
N ALA A 364 19.95 16.16 -12.21
CA ALA A 364 19.29 17.31 -12.84
C ALA A 364 17.77 17.35 -12.60
N LEU A 365 17.34 16.74 -11.50
CA LEU A 365 15.94 16.72 -11.12
C LEU A 365 15.55 17.99 -10.38
N ASN A 366 14.55 18.70 -10.90
CA ASN A 366 14.11 19.97 -10.33
C ASN A 366 12.61 20.16 -10.54
N LYS A 367 12.09 21.33 -10.15
CA LYS A 367 10.66 21.63 -10.25
C LYS A 367 10.08 21.52 -11.67
N ASP A 368 10.96 21.53 -12.68
CA ASP A 368 10.55 21.45 -14.08
C ASP A 368 10.72 20.04 -14.68
N ALA A 369 11.33 19.14 -13.92
CA ALA A 369 11.59 17.77 -14.39
C ALA A 369 10.29 16.99 -14.62
N VAL A 370 10.16 16.46 -15.83
CA VAL A 370 9.07 15.57 -16.19
C VAL A 370 9.70 14.19 -16.30
N VAL A 371 9.29 13.27 -15.44
CA VAL A 371 10.00 12.00 -15.30
C VAL A 371 9.17 10.81 -15.77
N LEU A 372 9.65 10.12 -16.80
CA LEU A 372 9.05 8.87 -17.26
C LEU A 372 9.66 7.70 -16.51
N VAL A 373 8.80 6.84 -15.98
CA VAL A 373 9.24 5.60 -15.32
C VAL A 373 8.54 4.40 -15.96
N ILE A 374 9.26 3.29 -16.11
CA ILE A 374 8.67 2.08 -16.67
C ILE A 374 8.48 1.02 -15.58
N SER A 375 7.23 0.77 -15.20
CA SER A 375 6.88 -0.35 -14.33
C SER A 375 6.83 -1.59 -15.20
N THR A 376 7.93 -2.34 -15.22
CA THR A 376 8.12 -3.41 -16.20
C THR A 376 7.31 -4.69 -15.91
N GLU A 377 6.87 -4.86 -14.66
CA GLU A 377 6.06 -6.01 -14.27
C GLU A 377 5.14 -5.68 -13.10
N GLY A 378 4.10 -6.49 -12.94
CA GLY A 378 3.26 -6.45 -11.76
C GLY A 378 3.68 -7.51 -10.78
N ASP A 379 2.72 -7.97 -9.98
CA ASP A 379 2.97 -8.97 -8.94
C ASP A 379 3.15 -10.39 -9.51
N THR A 380 4.19 -10.56 -10.33
CA THR A 380 4.49 -11.85 -10.96
C THR A 380 4.79 -12.94 -9.95
N ASP A 381 5.29 -12.54 -8.78
CA ASP A 381 5.47 -13.46 -7.66
C ASP A 381 4.69 -12.89 -6.49
N VAL A 382 3.45 -13.36 -6.32
CA VAL A 382 2.55 -12.85 -5.28
C VAL A 382 3.11 -13.00 -3.87
N LYS A 383 3.78 -14.11 -3.60
CA LYS A 383 4.32 -14.38 -2.27
C LYS A 383 5.34 -13.32 -1.89
N HIS A 384 6.27 -13.06 -2.80
CA HIS A 384 7.30 -12.05 -2.55
C HIS A 384 6.71 -10.66 -2.54
N TYR A 385 5.81 -10.37 -3.47
CA TYR A 385 5.16 -9.05 -3.54
C TYR A 385 4.47 -8.68 -2.23
N ARG A 386 3.76 -9.63 -1.64
CA ARG A 386 2.99 -9.36 -0.41
C ARG A 386 3.89 -9.40 0.80
N GLU A 387 4.97 -10.17 0.75
CA GLU A 387 6.00 -10.14 1.79
C GLU A 387 6.65 -8.75 1.89
N VAL A 388 6.87 -8.11 0.73
CA VAL A 388 7.46 -6.78 0.70
C VAL A 388 6.48 -5.70 1.16
N VAL A 389 5.28 -5.67 0.56
CA VAL A 389 4.32 -4.59 0.80
C VAL A 389 3.47 -4.73 2.06
N TRP A 390 3.27 -5.95 2.56
CA TRP A 390 2.54 -6.18 3.82
C TRP A 390 3.41 -6.47 5.00
N GLU A 391 4.40 -7.34 4.82
CA GLU A 391 5.25 -7.78 5.92
C GLU A 391 6.42 -6.82 6.11
N GLY A 392 6.70 -6.05 5.07
CA GLY A 392 7.84 -5.15 5.09
C GLY A 392 9.15 -5.89 5.13
N LYS A 393 9.25 -6.95 4.34
CA LYS A 393 10.54 -7.60 4.06
C LYS A 393 11.37 -6.62 3.25
N HIS A 394 12.68 -6.65 3.45
CA HIS A 394 13.60 -5.66 2.85
C HIS A 394 13.18 -4.25 3.18
N ALA A 395 12.88 -4.04 4.46
CA ALA A 395 12.57 -2.71 4.97
C ALA A 395 13.77 -1.78 4.87
N VAL A 396 13.48 -0.48 4.92
CA VAL A 396 14.50 0.57 4.89
C VAL A 396 15.56 0.43 6.00
N ALA A 397 15.11 0.20 7.24
CA ALA A 397 15.97 0.14 8.44
C ALA A 397 17.40 -0.39 8.22
N SER B 2 5.04 -15.05 3.97
CA SER B 2 5.82 -16.04 4.75
C SER B 2 5.11 -16.41 6.04
N VAL B 3 5.65 -17.40 6.74
CA VAL B 3 5.10 -17.83 8.02
C VAL B 3 5.84 -17.10 9.15
N PHE B 4 5.08 -16.49 10.04
CA PHE B 4 5.66 -15.73 11.15
C PHE B 4 4.78 -15.69 12.40
N SER B 5 5.40 -15.50 13.55
CA SER B 5 4.71 -15.47 14.84
C SER B 5 4.82 -14.11 15.51
N LEU B 6 3.75 -13.31 15.40
CA LEU B 6 3.63 -12.09 16.17
C LEU B 6 2.85 -12.43 17.42
N LYS B 7 3.16 -11.75 18.53
CA LYS B 7 2.46 -11.99 19.79
C LYS B 7 0.99 -11.61 19.63
N ILE B 8 0.12 -12.61 19.73
CA ILE B 8 -1.31 -12.40 19.75
C ILE B 8 -1.95 -13.31 20.81
N ASP B 9 -2.02 -12.80 22.04
CA ASP B 9 -2.56 -13.55 23.17
C ASP B 9 -4.06 -13.34 23.23
N ILE B 10 -4.80 -14.45 23.26
CA ILE B 10 -6.25 -14.41 23.34
C ILE B 10 -6.71 -14.91 24.72
N ALA B 11 -7.66 -14.20 25.31
CA ALA B 11 -8.26 -14.63 26.57
C ALA B 11 -9.77 -14.56 26.47
N ASP B 12 -10.43 -15.67 26.74
CA ASP B 12 -11.87 -15.72 26.89
C ASP B 12 -12.28 -14.83 28.07
N ASN B 13 -13.35 -14.05 27.87
CA ASN B 13 -13.90 -13.25 28.95
C ASN B 13 -14.69 -14.12 29.93
N LYS B 14 -14.03 -14.52 31.01
CA LYS B 14 -14.62 -15.42 32.01
C LYS B 14 -15.79 -14.80 32.78
N PHE B 15 -15.98 -13.49 32.60
CA PHE B 15 -16.96 -12.73 33.37
C PHE B 15 -18.16 -12.33 32.53
N PHE B 16 -18.20 -12.84 31.29
CA PHE B 16 -19.32 -12.63 30.37
C PHE B 16 -20.62 -13.08 31.03
N ASN B 17 -21.65 -12.25 30.93
CA ASN B 17 -22.97 -12.56 31.50
C ASN B 17 -24.13 -12.17 30.59
N GLY B 18 -23.82 -11.45 29.52
CA GLY B 18 -24.82 -11.01 28.56
C GLY B 18 -25.76 -9.93 29.04
N GLU B 19 -25.41 -9.25 30.12
CA GLU B 19 -26.22 -8.12 30.58
C GLU B 19 -25.97 -6.92 29.68
N THR B 20 -27.01 -6.53 28.94
CA THR B 20 -26.94 -5.39 28.05
C THR B 20 -27.08 -4.07 28.83
N SER B 21 -26.90 -2.95 28.13
CA SER B 21 -27.10 -1.65 28.73
C SER B 21 -28.16 -0.87 27.96
N PRO B 22 -29.22 -0.42 28.65
CA PRO B 22 -30.26 0.41 28.04
C PRO B 22 -29.74 1.78 27.64
N LEU B 23 -28.67 2.24 28.30
CA LEU B 23 -28.04 3.52 28.01
C LEU B 23 -27.36 3.53 26.64
N PHE B 24 -26.98 2.35 26.15
CA PHE B 24 -26.44 2.18 24.80
C PHE B 24 -27.31 1.20 24.02
N SER B 25 -28.29 1.74 23.30
CA SER B 25 -29.27 0.93 22.59
C SER B 25 -29.53 1.49 21.21
N GLN B 26 -30.48 0.90 20.49
CA GLN B 26 -30.88 1.39 19.18
C GLN B 26 -31.59 2.75 19.24
N SER B 27 -32.45 2.93 20.24
CA SER B 27 -33.22 4.16 20.39
C SER B 27 -32.34 5.38 20.70
N GLN B 28 -31.32 5.19 21.52
CA GLN B 28 -30.39 6.28 21.85
C GLN B 28 -29.30 6.48 20.80
N ALA B 29 -29.16 5.51 19.89
CA ALA B 29 -28.31 5.65 18.72
C ALA B 29 -29.04 6.43 17.63
N LYS B 30 -30.37 6.24 17.58
CA LYS B 30 -31.22 6.97 16.64
C LYS B 30 -31.17 8.47 16.94
N LEU B 31 -31.26 8.83 18.21
CA LEU B 31 -31.22 10.22 18.65
C LEU B 31 -29.86 10.84 18.33
N ALA B 32 -28.80 10.07 18.56
CA ALA B 32 -27.44 10.48 18.23
C ALA B 32 -27.31 10.76 16.74
N ARG B 33 -27.71 9.79 15.92
CA ARG B 33 -27.59 9.90 14.47
C ARG B 33 -28.47 10.99 13.88
N GLN B 34 -29.67 11.17 14.47
CA GLN B 34 -30.56 12.27 14.10
C GLN B 34 -29.88 13.62 14.32
N PHE B 35 -29.12 13.73 15.40
CA PHE B 35 -28.34 14.92 15.68
C PHE B 35 -27.21 15.13 14.66
N HIS B 36 -26.50 14.06 14.32
CA HIS B 36 -25.38 14.16 13.37
C HIS B 36 -25.80 14.52 11.98
N GLN B 37 -26.98 14.03 11.57
CA GLN B 37 -27.54 14.30 10.25
C GLN B 37 -27.88 15.79 10.03
N LYS B 38 -28.05 16.51 11.13
CA LYS B 38 -28.36 17.94 11.07
C LYS B 38 -27.11 18.80 10.87
N ILE B 39 -25.93 18.19 11.01
CA ILE B 39 -24.66 18.92 10.84
C ILE B 39 -24.24 18.94 9.37
N ALA B 40 -23.73 20.09 8.94
CA ALA B 40 -23.22 20.28 7.58
C ALA B 40 -22.09 19.31 7.23
N GLY B 41 -22.16 18.74 6.03
CA GLY B 41 -21.16 17.79 5.55
C GLY B 41 -21.34 16.35 6.01
N TYR B 42 -22.48 16.07 6.65
CA TYR B 42 -22.79 14.70 7.06
C TYR B 42 -22.97 13.75 5.88
N ARG B 43 -22.30 12.62 5.97
CA ARG B 43 -22.40 11.52 5.02
C ARG B 43 -22.02 10.26 5.81
N PRO B 44 -22.82 9.19 5.70
CA PRO B 44 -22.39 7.93 6.31
C PRO B 44 -21.04 7.52 5.73
N THR B 45 -20.14 7.07 6.60
CA THR B 45 -18.82 6.63 6.15
C THR B 45 -18.92 5.27 5.47
N PRO B 46 -18.07 5.02 4.46
CA PRO B 46 -18.16 3.78 3.70
C PRO B 46 -17.92 2.52 4.54
N LEU B 47 -18.65 1.47 4.21
CA LEU B 47 -18.38 0.15 4.73
C LEU B 47 -17.81 -0.64 3.56
N CYS B 48 -16.50 -0.86 3.60
CA CYS B 48 -15.82 -1.50 2.50
C CYS B 48 -15.83 -3.01 2.67
N ALA B 49 -16.21 -3.70 1.59
CA ALA B 49 -16.21 -5.16 1.57
C ALA B 49 -14.89 -5.65 0.99
N LEU B 50 -14.07 -6.24 1.85
CA LEU B 50 -12.81 -6.83 1.41
C LEU B 50 -13.06 -8.31 1.05
N ASP B 51 -13.74 -8.51 -0.07
CA ASP B 51 -14.18 -9.84 -0.49
C ASP B 51 -13.02 -10.78 -0.76
N ASP B 52 -11.99 -10.25 -1.42
CA ASP B 52 -10.81 -11.02 -1.79
C ASP B 52 -9.89 -11.35 -0.62
N LEU B 53 -9.81 -10.45 0.36
CA LEU B 53 -9.05 -10.72 1.58
C LEU B 53 -9.75 -11.77 2.47
N ALA B 54 -11.07 -11.72 2.50
CA ALA B 54 -11.85 -12.71 3.25
C ALA B 54 -11.67 -14.09 2.63
N ASN B 55 -11.60 -14.12 1.29
CA ASN B 55 -11.28 -15.36 0.58
C ASN B 55 -9.91 -15.89 0.97
N LEU B 56 -8.92 -15.01 0.96
CA LEU B 56 -7.55 -15.36 1.32
C LEU B 56 -7.47 -15.85 2.77
N PHE B 57 -8.26 -15.22 3.64
CA PHE B 57 -8.21 -15.50 5.07
C PHE B 57 -9.13 -16.64 5.49
N GLY B 58 -9.93 -17.14 4.55
CA GLY B 58 -10.80 -18.29 4.80
C GLY B 58 -12.04 -17.97 5.63
N VAL B 59 -12.46 -16.70 5.58
CA VAL B 59 -13.73 -16.29 6.19
C VAL B 59 -14.70 -15.80 5.10
N LYS B 60 -15.96 -15.61 5.45
CA LYS B 60 -16.97 -15.24 4.45
C LYS B 60 -16.85 -13.78 4.03
N LYS B 61 -16.91 -12.87 4.99
CA LYS B 61 -16.94 -11.44 4.72
C LYS B 61 -16.04 -10.69 5.70
N ILE B 62 -15.21 -9.81 5.15
CA ILE B 62 -14.51 -8.81 5.95
C ILE B 62 -15.02 -7.45 5.50
N LEU B 63 -15.66 -6.75 6.44
CA LEU B 63 -16.28 -5.47 6.19
C LEU B 63 -15.66 -4.44 7.12
N VAL B 64 -15.15 -3.37 6.53
CA VAL B 64 -14.40 -2.35 7.28
C VAL B 64 -15.14 -1.02 7.28
N LYS B 65 -15.55 -0.55 8.46
CA LYS B 65 -16.12 0.79 8.61
C LYS B 65 -15.00 1.84 8.54
N ASP B 66 -15.00 2.63 7.46
CA ASP B 66 -13.89 3.55 7.20
C ASP B 66 -14.12 4.94 7.82
N GLU B 67 -13.67 5.12 9.06
CA GLU B 67 -13.95 6.36 9.75
C GLU B 67 -13.02 7.53 9.39
N SER B 68 -12.05 7.29 8.50
CA SER B 68 -11.21 8.35 7.96
C SER B 68 -12.02 9.37 7.16
N LYS B 69 -13.26 9.01 6.83
CA LYS B 69 -14.13 9.85 5.99
C LYS B 69 -15.11 10.68 6.82
N ARG B 70 -14.96 10.62 8.14
CA ARG B 70 -15.92 11.25 9.03
C ARG B 70 -15.72 12.77 9.15
N PHE B 71 -16.56 13.51 8.44
CA PHE B 71 -16.60 14.98 8.51
C PHE B 71 -15.26 15.67 8.26
N GLY B 72 -14.44 15.12 7.35
CA GLY B 72 -13.14 15.71 7.02
C GLY B 72 -12.09 15.66 8.11
N LEU B 73 -12.42 15.04 9.25
CA LEU B 73 -11.53 15.01 10.40
C LEU B 73 -10.62 13.78 10.50
N ASN B 74 -10.73 12.88 9.51
CA ASN B 74 -9.84 11.71 9.39
C ASN B 74 -9.94 10.68 10.54
N ALA B 75 -11.00 10.79 11.35
CA ALA B 75 -11.23 9.92 12.51
C ALA B 75 -12.70 9.96 12.94
N PHE B 76 -13.09 9.04 13.81
CA PHE B 76 -14.49 8.90 14.24
C PHE B 76 -14.83 9.76 15.48
N LYS B 77 -13.80 10.13 16.23
CA LYS B 77 -13.94 10.64 17.59
C LYS B 77 -14.92 11.80 17.78
N MET B 78 -15.11 12.62 16.75
CA MET B 78 -15.99 13.78 16.87
C MET B 78 -17.46 13.39 17.09
N LEU B 79 -17.83 12.18 16.66
CA LEU B 79 -19.19 11.70 16.82
C LEU B 79 -19.67 11.81 18.26
N GLY B 80 -18.74 11.59 19.20
CA GLY B 80 -19.02 11.73 20.61
C GLY B 80 -18.83 13.13 21.15
N GLY B 81 -17.66 13.73 20.85
CA GLY B 81 -17.32 15.08 21.31
C GLY B 81 -18.36 16.13 20.94
N ALA B 82 -18.75 16.15 19.65
CA ALA B 82 -19.76 17.07 19.14
C ALA B 82 -21.15 16.82 19.74
N TYR B 83 -21.43 15.57 20.10
CA TYR B 83 -22.72 15.20 20.67
C TYR B 83 -22.83 15.61 22.13
N ALA B 84 -21.76 15.36 22.89
CA ALA B 84 -21.68 15.75 24.28
C ALA B 84 -21.79 17.28 24.41
N ILE B 85 -21.04 17.99 23.57
CA ILE B 85 -21.01 19.45 23.59
C ILE B 85 -22.37 20.06 23.28
N ALA B 86 -23.07 19.50 22.29
CA ALA B 86 -24.41 19.98 21.96
C ALA B 86 -25.38 19.71 23.09
N GLN B 87 -25.23 18.56 23.76
CA GLN B 87 -26.05 18.22 24.92
C GLN B 87 -25.83 19.19 26.07
N LEU B 88 -24.57 19.57 26.30
CA LEU B 88 -24.22 20.53 27.34
C LEU B 88 -24.86 21.89 27.08
N LEU B 89 -24.78 22.35 25.83
CA LEU B 89 -25.44 23.58 25.42
C LEU B 89 -26.95 23.53 25.62
N CYS B 90 -27.52 22.33 25.46
CA CYS B 90 -28.95 22.14 25.69
C CYS B 90 -29.35 22.12 27.16
N GLU B 91 -28.38 21.81 28.02
CA GLU B 91 -28.56 21.96 29.47
C GLU B 91 -28.44 23.42 29.88
N LYS B 92 -27.43 24.10 29.34
CA LYS B 92 -27.16 25.51 29.67
C LYS B 92 -28.27 26.45 29.22
N TYR B 93 -28.79 26.23 28.02
CA TYR B 93 -29.84 27.11 27.46
C TYR B 93 -31.23 26.46 27.43
N HIS B 94 -31.41 25.40 28.23
CA HIS B 94 -32.70 24.71 28.38
C HIS B 94 -33.39 24.38 27.07
N LEU B 95 -32.59 24.11 26.04
CA LEU B 95 -33.11 23.87 24.69
C LEU B 95 -33.40 22.39 24.44
N ASP B 96 -34.26 22.11 23.47
CA ASP B 96 -34.49 20.75 23.03
C ASP B 96 -33.50 20.37 21.93
N ILE B 97 -32.80 19.26 22.14
CA ILE B 97 -31.78 18.78 21.19
C ILE B 97 -32.40 18.25 19.89
N GLU B 98 -33.58 17.64 20.00
CA GLU B 98 -34.28 17.05 18.85
C GLU B 98 -34.78 18.11 17.85
N THR B 99 -34.78 19.37 18.27
CA THR B 99 -35.32 20.46 17.47
C THR B 99 -34.24 21.44 16.97
N LEU B 100 -33.27 21.74 17.82
CA LEU B 100 -32.20 22.69 17.49
C LEU B 100 -31.25 22.14 16.42
N SER B 101 -30.58 23.05 15.72
CA SER B 101 -29.62 22.68 14.67
C SER B 101 -28.56 23.76 14.43
N PHE B 102 -29.01 25.00 14.23
CA PHE B 102 -28.12 26.12 13.90
C PHE B 102 -27.80 27.01 15.09
N GLU B 103 -26.50 27.16 15.37
CA GLU B 103 -25.97 27.99 16.45
C GLU B 103 -26.54 27.63 17.82
N GLU B 111 -23.77 33.80 25.38
CA GLU B 111 -22.60 33.78 26.24
C GLU B 111 -21.57 32.77 25.74
N LYS B 112 -20.28 33.14 25.82
CA LYS B 112 -19.19 32.31 25.27
C LYS B 112 -18.67 31.25 26.25
N MET B 113 -18.78 29.99 25.84
CA MET B 113 -18.29 28.85 26.61
C MET B 113 -16.91 28.40 26.14
N THR B 114 -16.18 27.73 27.02
CA THR B 114 -14.86 27.19 26.68
C THR B 114 -14.82 25.71 27.05
N PHE B 115 -14.50 24.87 26.07
CA PHE B 115 -14.48 23.41 26.26
C PHE B 115 -13.06 22.87 26.37
N ALA B 116 -12.80 22.11 27.43
CA ALA B 116 -11.44 21.67 27.73
C ALA B 116 -11.31 20.15 27.84
N THR B 117 -10.27 19.60 27.20
CA THR B 117 -10.00 18.17 27.28
C THR B 117 -8.53 17.85 27.05
N THR B 118 -8.10 16.71 27.61
CA THR B 118 -6.86 16.07 27.21
C THR B 118 -7.16 15.10 26.06
N THR B 119 -6.17 14.92 25.18
CA THR B 119 -6.27 14.04 24.02
C THR B 119 -4.87 13.67 23.57
N ASP B 120 -4.72 12.51 22.94
CA ASP B 120 -3.48 12.23 22.22
C ASP B 120 -3.65 12.38 20.71
N GLY B 121 -4.76 12.98 20.30
CA GLY B 121 -4.94 13.35 18.91
C GLY B 121 -6.35 13.66 18.48
N ASN B 122 -7.18 12.62 18.39
CA ASN B 122 -8.45 12.74 17.69
C ASN B 122 -9.56 13.38 18.52
N HIS B 123 -9.65 12.99 19.79
CA HIS B 123 -10.71 13.52 20.65
C HIS B 123 -10.68 15.03 20.75
N GLY B 124 -9.51 15.59 21.08
CA GLY B 124 -9.31 17.04 21.13
C GLY B 124 -9.69 17.70 19.82
N ARG B 125 -9.21 17.14 18.72
CA ARG B 125 -9.54 17.62 17.37
C ARG B 125 -11.05 17.65 17.14
N GLY B 126 -11.73 16.57 17.53
CA GLY B 126 -13.18 16.50 17.51
C GLY B 126 -13.83 17.58 18.36
N VAL B 127 -13.30 17.78 19.57
CA VAL B 127 -13.78 18.85 20.46
C VAL B 127 -13.52 20.23 19.84
N ALA B 128 -12.26 20.52 19.50
CA ALA B 128 -11.88 21.79 18.87
C ALA B 128 -12.76 22.16 17.67
N TRP B 129 -12.99 21.19 16.79
CA TRP B 129 -13.83 21.37 15.60
C TRP B 129 -15.24 21.77 15.96
N ALA B 130 -15.80 21.13 16.99
CA ALA B 130 -17.18 21.39 17.42
C ALA B 130 -17.33 22.78 18.03
N ALA B 131 -16.35 23.17 18.85
CA ALA B 131 -16.29 24.52 19.40
C ALA B 131 -16.21 25.57 18.28
N GLN B 132 -15.44 25.28 17.22
CA GLN B 132 -15.35 26.18 16.07
C GLN B 132 -16.71 26.30 15.38
N GLN B 133 -17.35 25.17 15.12
CA GLN B 133 -18.62 25.13 14.39
C GLN B 133 -19.71 25.92 15.09
N LEU B 134 -19.67 25.92 16.42
CA LEU B 134 -20.69 26.59 17.25
C LEU B 134 -20.20 27.95 17.79
N GLY B 135 -19.08 28.41 17.26
CA GLY B 135 -18.51 29.71 17.63
C GLY B 135 -18.09 29.85 19.08
N GLN B 136 -17.60 28.76 19.66
CA GLN B 136 -17.13 28.75 21.05
C GLN B 136 -15.63 28.53 21.11
N ASN B 137 -15.09 28.55 22.33
CA ASN B 137 -13.65 28.36 22.56
C ASN B 137 -13.32 26.93 23.01
N ALA B 138 -12.09 26.50 22.73
CA ALA B 138 -11.63 25.19 23.13
C ALA B 138 -10.18 25.26 23.55
N VAL B 139 -9.87 24.64 24.68
CA VAL B 139 -8.48 24.52 25.15
C VAL B 139 -8.10 23.06 25.33
N ILE B 140 -7.18 22.60 24.50
CA ILE B 140 -6.85 21.18 24.44
C ILE B 140 -5.46 20.91 24.99
N TYR B 141 -5.36 19.89 25.85
CA TYR B 141 -4.09 19.47 26.42
C TYR B 141 -3.62 18.17 25.79
N MET B 142 -2.30 17.98 25.75
CA MET B 142 -1.69 16.82 25.10
C MET B 142 -0.50 16.28 25.89
N PRO B 143 -0.37 14.94 25.95
CA PRO B 143 0.74 14.33 26.68
C PRO B 143 2.07 14.48 25.94
N LYS B 144 3.18 14.37 26.67
CA LYS B 144 4.52 14.46 26.10
C LYS B 144 4.71 13.41 25.00
N GLY B 145 5.38 13.78 23.93
CA GLY B 145 5.63 12.88 22.80
C GLY B 145 4.52 12.85 21.75
N SER B 146 3.58 13.78 21.85
CA SER B 146 2.51 13.91 20.86
C SER B 146 3.03 14.43 19.52
N ALA B 147 2.55 13.83 18.43
CA ALA B 147 2.96 14.20 17.08
C ALA B 147 2.61 15.65 16.78
N GLN B 148 3.59 16.40 16.30
CA GLN B 148 3.45 17.83 16.00
C GLN B 148 2.29 18.09 15.04
N GLU B 149 2.13 17.21 14.05
CA GLU B 149 1.02 17.29 13.09
C GLU B 149 -0.37 17.32 13.75
N ARG B 150 -0.53 16.57 14.84
CA ARG B 150 -1.79 16.53 15.60
C ARG B 150 -1.98 17.79 16.44
N VAL B 151 -0.88 18.33 16.96
CA VAL B 151 -0.90 19.61 17.66
C VAL B 151 -1.37 20.66 16.65
N ASP B 152 -0.78 20.64 15.46
CA ASP B 152 -1.12 21.60 14.40
C ASP B 152 -2.57 21.49 13.95
N ALA B 153 -3.09 20.27 13.90
CA ALA B 153 -4.46 20.03 13.45
C ALA B 153 -5.47 20.78 14.31
N ILE B 154 -5.26 20.71 15.63
CA ILE B 154 -6.10 21.40 16.61
C ILE B 154 -5.96 22.92 16.52
N LEU B 155 -4.71 23.41 16.46
CA LEU B 155 -4.45 24.84 16.29
C LEU B 155 -5.12 25.38 15.04
N ASN B 156 -5.08 24.61 13.95
CA ASN B 156 -5.66 25.02 12.69
C ASN B 156 -7.19 25.09 12.69
N LEU B 157 -7.80 24.72 13.82
CA LEU B 157 -9.24 24.87 14.01
C LEU B 157 -9.56 26.10 14.87
N GLY B 158 -8.52 26.78 15.34
CA GLY B 158 -8.68 28.00 16.13
C GLY B 158 -8.75 27.75 17.62
N ALA B 159 -8.28 26.57 18.05
CA ALA B 159 -8.25 26.21 19.47
C ALA B 159 -6.84 26.31 20.05
N GLU B 160 -6.75 26.41 21.37
CA GLU B 160 -5.47 26.39 22.07
C GLU B 160 -5.02 24.94 22.25
N CYS B 161 -3.72 24.70 22.11
CA CYS B 161 -3.17 23.37 22.33
C CYS B 161 -1.89 23.47 23.14
N ILE B 162 -1.82 22.69 24.22
CA ILE B 162 -0.61 22.63 25.04
C ILE B 162 -0.10 21.21 25.19
N VAL B 163 1.19 21.03 24.88
CA VAL B 163 1.88 19.75 25.06
C VAL B 163 2.58 19.77 26.42
N THR B 164 2.11 18.93 27.32
CA THR B 164 2.62 18.92 28.70
C THR B 164 3.88 18.06 28.86
N ASP B 165 4.44 18.08 30.07
CA ASP B 165 5.61 17.27 30.43
C ASP B 165 5.19 15.95 31.10
N MET B 166 3.92 15.59 30.97
CA MET B 166 3.35 14.46 31.72
C MET B 166 2.68 13.44 30.82
N ASN B 167 2.35 12.28 31.39
CA ASN B 167 1.60 11.25 30.69
C ASN B 167 0.13 11.65 30.52
N TYR B 168 -0.63 10.80 29.85
CA TYR B 168 -2.04 11.07 29.59
C TYR B 168 -2.85 11.35 30.86
N ASP B 169 -2.83 10.42 31.81
CA ASP B 169 -3.67 10.51 33.02
C ASP B 169 -3.40 11.75 33.86
N ASP B 170 -2.12 12.09 34.04
CA ASP B 170 -1.75 13.28 34.81
C ASP B 170 -2.16 14.56 34.08
N THR B 171 -2.07 14.55 32.75
CA THR B 171 -2.47 15.68 31.91
C THR B 171 -4.00 15.91 32.01
N VAL B 172 -4.76 14.82 32.08
CA VAL B 172 -6.20 14.87 32.30
C VAL B 172 -6.50 15.60 33.61
N ARG B 173 -5.78 15.24 34.67
CA ARG B 173 -5.91 15.89 35.98
C ARG B 173 -5.55 17.37 35.94
N LEU B 174 -4.53 17.73 35.17
CA LEU B 174 -4.18 19.14 34.96
C LEU B 174 -5.27 19.90 34.20
N THR B 175 -5.92 19.21 33.25
CA THR B 175 -7.07 19.76 32.53
C THR B 175 -8.24 20.02 33.47
N MET B 176 -8.48 19.07 34.38
CA MET B 176 -9.55 19.18 35.37
C MET B 176 -9.34 20.44 36.21
N GLN B 177 -8.15 20.53 36.79
CA GLN B 177 -7.73 21.66 37.62
C GLN B 177 -7.93 23.00 36.90
N HIS B 178 -7.35 23.12 35.71
CA HIS B 178 -7.38 24.38 34.95
C HIS B 178 -8.78 24.79 34.60
N ALA B 179 -9.62 23.80 34.30
CA ALA B 179 -11.03 24.02 34.01
C ALA B 179 -11.81 24.56 35.22
N GLN B 180 -11.53 24.03 36.41
CA GLN B 180 -12.13 24.55 37.64
C GLN B 180 -11.62 25.96 37.93
N GLN B 181 -10.33 26.16 37.66
CA GLN B 181 -9.64 27.43 37.90
C GLN B 181 -10.16 28.57 37.01
N HIS B 182 -10.51 28.24 35.77
CA HIS B 182 -10.93 29.24 34.80
C HIS B 182 -12.40 29.23 34.50
N GLY B 183 -13.09 28.17 34.94
CA GLY B 183 -14.52 28.02 34.69
C GLY B 183 -14.83 27.36 33.35
N TRP B 184 -13.94 26.47 32.90
CA TRP B 184 -14.16 25.74 31.65
C TRP B 184 -15.06 24.55 31.82
N GLU B 185 -15.57 24.05 30.69
CA GLU B 185 -16.38 22.85 30.68
C GLU B 185 -15.52 21.68 30.18
N VAL B 186 -15.20 20.76 31.09
CA VAL B 186 -14.39 19.58 30.74
C VAL B 186 -15.18 18.62 29.89
N VAL B 187 -14.65 18.28 28.71
CA VAL B 187 -15.29 17.33 27.80
C VAL B 187 -14.34 16.15 27.53
N GLN B 188 -14.25 15.24 28.48
CA GLN B 188 -13.29 14.13 28.39
C GLN B 188 -13.94 12.80 28.04
N ASP B 189 -13.31 12.07 27.14
CA ASP B 189 -13.81 10.76 26.68
C ASP B 189 -13.47 9.60 27.61
N THR B 190 -13.26 9.92 28.89
CA THR B 190 -13.05 8.90 29.92
C THR B 190 -13.84 9.28 31.15
N ALA B 191 -14.08 8.31 32.03
CA ALA B 191 -14.85 8.54 33.24
C ALA B 191 -14.04 8.26 34.51
N TRP B 192 -14.48 8.84 35.62
CA TRP B 192 -13.91 8.57 36.94
C TRP B 192 -14.90 8.97 37.99
N GLU B 193 -14.47 8.95 39.24
CA GLU B 193 -15.29 9.33 40.38
C GLU B 193 -15.77 10.78 40.30
N GLY B 194 -17.07 10.96 40.10
CA GLY B 194 -17.70 12.28 40.06
C GLY B 194 -17.76 12.91 38.68
N TYR B 195 -17.49 12.10 37.65
CA TYR B 195 -17.49 12.57 36.27
C TYR B 195 -17.88 11.42 35.34
N THR B 196 -19.18 11.28 35.10
CA THR B 196 -19.70 10.18 34.26
C THR B 196 -20.70 10.64 33.20
N LYS B 197 -21.34 11.78 33.45
CA LYS B 197 -22.41 12.30 32.57
C LYS B 197 -21.96 12.55 31.13
N ILE B 198 -20.87 13.30 30.96
CA ILE B 198 -20.38 13.68 29.63
C ILE B 198 -19.81 12.49 28.84
N PRO B 199 -18.96 11.66 29.49
CA PRO B 199 -18.45 10.50 28.76
C PRO B 199 -19.54 9.47 28.42
N THR B 200 -20.68 9.56 29.09
CA THR B 200 -21.87 8.79 28.69
C THR B 200 -22.36 9.25 27.31
N TRP B 201 -22.60 10.55 27.17
CA TRP B 201 -23.03 11.15 25.89
C TRP B 201 -22.05 10.88 24.80
N ILE B 202 -20.77 11.06 25.11
CA ILE B 202 -19.67 10.78 24.17
C ILE B 202 -19.78 9.36 23.61
N MET B 203 -19.97 8.39 24.51
CA MET B 203 -20.14 6.99 24.15
C MET B 203 -21.41 6.77 23.32
N GLN B 204 -22.49 7.44 23.72
CA GLN B 204 -23.75 7.44 22.96
C GLN B 204 -23.56 8.05 21.57
N GLY B 205 -22.72 9.08 21.47
CA GLY B 205 -22.44 9.73 20.20
C GLY B 205 -21.74 8.83 19.20
N TYR B 206 -20.85 7.97 19.71
CA TYR B 206 -20.11 7.00 18.90
C TYR B 206 -21.00 5.98 18.19
N ALA B 207 -22.13 5.62 18.80
CA ALA B 207 -23.04 4.59 18.26
C ALA B 207 -23.58 4.90 16.86
N THR B 208 -23.46 6.15 16.44
CA THR B 208 -23.86 6.57 15.09
C THR B 208 -23.18 5.73 14.00
N LEU B 209 -21.89 5.42 14.21
CA LEU B 209 -21.12 4.65 13.23
C LEU B 209 -21.63 3.20 13.18
N ALA B 210 -22.00 2.65 14.32
CA ALA B 210 -22.52 1.30 14.39
C ALA B 210 -23.93 1.22 13.79
N ASP B 211 -24.71 2.27 14.04
CA ASP B 211 -26.05 2.40 13.45
C ASP B 211 -25.95 2.40 11.92
N GLU B 212 -25.03 3.20 11.40
CA GLU B 212 -24.76 3.26 9.96
C GLU B 212 -24.31 1.89 9.43
N ALA B 213 -23.38 1.26 10.15
CA ALA B 213 -22.82 -0.03 9.77
C ALA B 213 -23.90 -1.13 9.74
N VAL B 214 -24.81 -1.10 10.71
CA VAL B 214 -25.91 -2.08 10.74
C VAL B 214 -26.86 -1.87 9.56
N GLU B 215 -27.17 -0.60 9.27
CA GLU B 215 -27.99 -0.22 8.12
C GLU B 215 -27.32 -0.61 6.80
N GLN B 216 -26.00 -0.44 6.72
CA GLN B 216 -25.22 -0.77 5.53
C GLN B 216 -25.11 -2.28 5.29
N MET B 217 -24.93 -3.04 6.37
CA MET B 217 -24.91 -4.50 6.31
C MET B 217 -26.27 -5.03 5.87
N ARG B 218 -27.33 -4.38 6.34
CA ARG B 218 -28.70 -4.72 5.94
C ARG B 218 -28.95 -4.47 4.46
N GLU B 219 -28.40 -3.38 3.93
CA GLU B 219 -28.51 -3.09 2.50
C GLU B 219 -27.72 -4.12 1.68
N MET B 220 -26.67 -4.67 2.28
CA MET B 220 -25.90 -5.77 1.69
C MET B 220 -26.55 -7.15 1.93
N GLY B 221 -27.47 -7.20 2.90
CA GLY B 221 -28.15 -8.43 3.26
C GLY B 221 -27.31 -9.40 4.08
N VAL B 222 -26.29 -8.87 4.77
CA VAL B 222 -25.44 -9.71 5.64
C VAL B 222 -25.73 -9.49 7.13
N THR B 223 -25.22 -10.40 7.96
CA THR B 223 -25.34 -10.34 9.41
C THR B 223 -23.94 -10.64 9.97
N PRO B 224 -23.39 -9.74 10.79
CA PRO B 224 -22.04 -10.02 11.31
C PRO B 224 -22.07 -11.13 12.36
N THR B 225 -21.09 -12.01 12.30
CA THR B 225 -20.90 -13.01 13.34
C THR B 225 -19.83 -12.54 14.33
N HIS B 226 -18.96 -11.65 13.85
CA HIS B 226 -17.84 -11.14 14.63
C HIS B 226 -17.72 -9.64 14.56
N VAL B 227 -17.22 -9.06 15.64
CA VAL B 227 -16.73 -7.69 15.61
C VAL B 227 -15.41 -7.58 16.36
N LEU B 228 -14.45 -6.91 15.73
CA LEU B 228 -13.17 -6.60 16.35
C LEU B 228 -13.19 -5.13 16.75
N LEU B 229 -12.99 -4.86 18.04
CA LEU B 229 -12.99 -3.49 18.55
C LEU B 229 -11.68 -3.17 19.24
N GLN B 230 -10.94 -2.23 18.65
CA GLN B 230 -9.72 -1.75 19.28
C GLN B 230 -10.09 -0.94 20.52
N ALA B 231 -9.17 -0.91 21.49
CA ALA B 231 -9.45 -0.24 22.74
C ALA B 231 -8.26 0.56 23.25
N GLY B 232 -8.56 1.76 23.74
CA GLY B 232 -7.64 2.55 24.55
C GLY B 232 -8.15 2.44 25.97
N VAL B 233 -9.07 3.32 26.34
CA VAL B 233 -9.77 3.21 27.63
C VAL B 233 -11.10 2.45 27.51
N GLY B 234 -11.54 2.21 26.28
CA GLY B 234 -12.74 1.42 26.02
C GLY B 234 -14.06 2.16 25.96
N ALA B 235 -14.00 3.46 25.68
CA ALA B 235 -15.21 4.26 25.47
C ALA B 235 -15.87 3.87 24.15
N MET B 236 -15.06 3.76 23.09
CA MET B 236 -15.54 3.42 21.76
C MET B 236 -16.05 1.98 21.74
N ALA B 237 -15.23 1.04 22.21
CA ALA B 237 -15.63 -0.36 22.33
C ALA B 237 -16.94 -0.49 23.12
N GLY B 238 -16.97 0.12 24.30
CA GLY B 238 -18.14 0.10 25.18
C GLY B 238 -19.40 0.67 24.56
N GLY B 239 -19.28 1.83 23.92
CA GLY B 239 -20.42 2.50 23.28
C GLY B 239 -20.89 1.75 22.06
N VAL B 240 -19.95 1.23 21.29
CA VAL B 240 -20.24 0.53 20.04
C VAL B 240 -20.77 -0.89 20.25
N LEU B 241 -20.11 -1.66 21.12
CA LEU B 241 -20.56 -3.02 21.44
C LEU B 241 -21.93 -3.00 22.12
N GLY B 242 -22.12 -2.05 23.04
CA GLY B 242 -23.39 -1.85 23.74
C GLY B 242 -24.57 -1.69 22.81
N TYR B 243 -24.37 -0.94 21.72
CA TYR B 243 -25.39 -0.81 20.68
C TYR B 243 -25.54 -2.13 19.91
N LEU B 244 -24.40 -2.69 19.48
CA LEU B 244 -24.39 -3.86 18.61
C LEU B 244 -25.07 -5.09 19.24
N VAL B 245 -24.84 -5.28 20.55
CA VAL B 245 -25.48 -6.38 21.29
C VAL B 245 -26.96 -6.11 21.56
N ASP B 246 -27.39 -4.85 21.45
CA ASP B 246 -28.82 -4.54 21.46
C ASP B 246 -29.47 -4.90 20.13
N VAL B 247 -28.66 -4.94 19.07
CA VAL B 247 -29.14 -5.32 17.73
C VAL B 247 -29.09 -6.84 17.58
N TYR B 248 -27.93 -7.43 17.87
CA TYR B 248 -27.70 -8.83 17.58
C TYR B 248 -27.71 -9.75 18.80
N SER B 249 -27.82 -9.17 19.99
CA SER B 249 -27.71 -9.88 21.27
C SER B 249 -26.24 -10.23 21.56
N PRO B 250 -25.85 -10.15 22.85
CA PRO B 250 -24.48 -10.49 23.26
C PRO B 250 -24.03 -11.90 22.87
N GLN B 251 -24.96 -12.85 22.86
CA GLN B 251 -24.64 -14.26 22.59
C GLN B 251 -24.38 -14.58 21.11
N ASN B 252 -25.05 -13.88 20.20
CA ASN B 252 -24.88 -14.13 18.76
C ASN B 252 -23.75 -13.32 18.12
N LEU B 253 -23.07 -12.51 18.91
CA LEU B 253 -21.97 -11.71 18.40
C LEU B 253 -20.67 -12.16 19.07
N HIS B 254 -19.71 -12.59 18.26
CA HIS B 254 -18.39 -12.94 18.76
C HIS B 254 -17.52 -11.69 18.71
N SER B 255 -17.57 -10.93 19.80
CA SER B 255 -16.90 -9.65 19.87
C SER B 255 -15.52 -9.76 20.51
N ILE B 256 -14.51 -9.26 19.78
CA ILE B 256 -13.12 -9.35 20.22
C ILE B 256 -12.52 -7.97 20.46
N ILE B 257 -12.03 -7.77 21.68
CA ILE B 257 -11.42 -6.51 22.07
C ILE B 257 -9.92 -6.58 21.80
N VAL B 258 -9.41 -5.61 21.05
CA VAL B 258 -8.01 -5.59 20.63
C VAL B 258 -7.24 -4.46 21.31
N GLU B 259 -6.12 -4.81 21.94
CA GLU B 259 -5.25 -3.83 22.59
C GLU B 259 -3.77 -4.03 22.27
N PRO B 260 -2.99 -2.93 22.29
CA PRO B 260 -1.53 -2.99 22.17
C PRO B 260 -0.88 -3.62 23.39
N ASP B 261 0.26 -4.27 23.15
CA ASP B 261 1.02 -4.99 24.17
C ASP B 261 1.37 -4.12 25.39
N LYS B 262 1.87 -2.93 25.12
CA LYS B 262 2.42 -2.05 26.16
C LYS B 262 1.34 -1.30 26.97
N ALA B 263 0.08 -1.41 26.54
CA ALA B 263 -1.02 -0.71 27.22
C ALA B 263 -2.35 -1.50 27.17
N ASP B 264 -2.28 -2.78 27.51
CA ASP B 264 -3.47 -3.64 27.51
C ASP B 264 -4.21 -3.63 28.86
N CYS B 265 -4.83 -2.50 29.17
CA CYS B 265 -5.51 -2.31 30.45
C CYS B 265 -6.82 -3.11 30.56
N ILE B 266 -7.55 -3.20 29.44
CA ILE B 266 -8.82 -3.91 29.41
C ILE B 266 -8.61 -5.42 29.36
N TYR B 267 -7.57 -5.85 28.65
CA TYR B 267 -7.15 -7.25 28.66
C TYR B 267 -6.81 -7.71 30.08
N ARG B 268 -5.92 -6.97 30.74
CA ARG B 268 -5.49 -7.27 32.10
C ARG B 268 -6.65 -7.22 33.09
N SER B 269 -7.55 -6.25 32.88
CA SER B 269 -8.80 -6.20 33.63
C SER B 269 -9.68 -7.40 33.33
N GLY B 270 -9.60 -7.87 32.07
CA GLY B 270 -10.36 -9.03 31.61
C GLY B 270 -10.03 -10.30 32.36
N VAL B 271 -8.73 -10.64 32.41
CA VAL B 271 -8.28 -11.88 33.06
C VAL B 271 -8.60 -11.94 34.55
N LYS B 272 -8.54 -10.78 35.22
CA LYS B 272 -8.72 -10.69 36.67
C LYS B 272 -10.17 -10.42 37.06
N GLY B 273 -10.89 -9.70 36.20
CA GLY B 273 -12.27 -9.30 36.48
C GLY B 273 -12.40 -8.04 37.34
N ASP B 274 -11.35 -7.23 37.35
CA ASP B 274 -11.35 -5.95 38.06
C ASP B 274 -10.44 -4.93 37.36
N ILE B 275 -10.76 -3.66 37.51
CA ILE B 275 -10.00 -2.56 36.88
C ILE B 275 -8.53 -2.59 37.31
N VAL B 276 -7.64 -2.73 36.33
CA VAL B 276 -6.20 -2.82 36.56
C VAL B 276 -5.44 -2.22 35.38
N ALA B 283 5.61 3.38 25.88
CA ALA B 283 4.92 3.95 24.72
C ALA B 283 4.64 2.92 23.63
N THR B 284 3.45 3.02 23.04
CA THR B 284 3.04 2.19 21.92
C THR B 284 2.98 3.01 20.63
N ILE B 285 3.22 2.34 19.50
CA ILE B 285 3.05 2.95 18.19
C ILE B 285 1.58 3.27 17.91
N MET B 286 0.67 2.62 18.64
CA MET B 286 -0.77 2.85 18.50
C MET B 286 -1.23 3.97 19.43
N ALA B 287 -0.85 5.20 19.10
CA ALA B 287 -1.30 6.37 19.84
C ALA B 287 -2.81 6.51 19.67
N GLY B 288 -3.51 6.50 20.80
CA GLY B 288 -4.96 6.42 20.79
C GLY B 288 -5.38 5.21 21.60
N LEU B 289 -4.53 4.19 21.63
CA LEU B 289 -4.81 2.96 22.35
C LEU B 289 -3.99 2.83 23.65
N ALA B 290 -3.30 3.91 24.01
CA ALA B 290 -2.61 4.00 25.29
C ALA B 290 -3.64 4.03 26.42
N CYS B 291 -3.29 3.41 27.55
CA CYS B 291 -4.21 3.31 28.67
C CYS B 291 -3.45 3.21 29.98
N GLY B 292 -3.78 4.09 30.91
CA GLY B 292 -3.27 4.01 32.26
C GLY B 292 -4.36 3.41 33.12
N GLU B 293 -5.47 4.13 33.21
CA GLU B 293 -6.67 3.65 33.89
C GLU B 293 -7.80 3.50 32.88
N PRO B 294 -8.46 2.32 32.87
CA PRO B 294 -9.60 2.08 31.97
C PRO B 294 -10.80 3.00 32.24
N ASN B 295 -11.64 3.16 31.24
CA ASN B 295 -12.92 3.85 31.36
C ASN B 295 -13.94 2.89 32.00
N PRO B 296 -14.32 3.14 33.26
CA PRO B 296 -15.23 2.26 34.02
C PRO B 296 -16.60 2.06 33.36
N LEU B 297 -17.08 3.09 32.64
CA LEU B 297 -18.34 3.00 31.90
C LEU B 297 -18.24 2.04 30.72
N GLY B 298 -17.15 2.11 29.98
CA GLY B 298 -16.88 1.17 28.91
C GLY B 298 -16.60 -0.22 29.43
N TRP B 299 -15.89 -0.29 30.57
CA TRP B 299 -15.50 -1.56 31.16
C TRP B 299 -16.68 -2.41 31.55
N GLU B 300 -17.73 -1.80 32.09
CA GLU B 300 -18.94 -2.52 32.49
C GLU B 300 -19.57 -3.29 31.33
N ILE B 301 -19.63 -2.66 30.16
CA ILE B 301 -20.20 -3.28 28.95
C ILE B 301 -19.30 -4.40 28.44
N LEU B 302 -17.99 -4.15 28.44
CA LEU B 302 -17.03 -5.14 27.94
C LEU B 302 -16.93 -6.34 28.87
N ARG B 303 -16.87 -6.08 30.17
CA ARG B 303 -16.88 -7.14 31.18
C ARG B 303 -18.09 -8.04 30.94
N ASN B 304 -19.21 -7.43 30.56
CA ASN B 304 -20.49 -8.12 30.43
C ASN B 304 -20.71 -8.86 29.11
N CYS B 305 -20.39 -8.21 27.99
CA CYS B 305 -20.78 -8.72 26.67
C CYS B 305 -19.61 -9.03 25.72
N ALA B 306 -18.40 -8.60 26.08
CA ALA B 306 -17.23 -8.90 25.25
C ALA B 306 -16.96 -10.39 25.37
N THR B 307 -16.80 -11.04 24.22
CA THR B 307 -16.55 -12.48 24.18
C THR B 307 -15.10 -12.78 24.56
N GLN B 308 -14.18 -12.05 23.94
CA GLN B 308 -12.76 -12.28 24.12
C GLN B 308 -11.95 -10.98 24.14
N PHE B 309 -10.78 -11.04 24.76
CA PHE B 309 -9.83 -9.94 24.78
C PHE B 309 -8.53 -10.41 24.13
N ILE B 310 -7.91 -9.53 23.34
CA ILE B 310 -6.63 -9.82 22.69
C ILE B 310 -5.56 -8.79 23.07
N SER B 311 -4.45 -9.28 23.64
CA SER B 311 -3.26 -8.47 23.84
C SER B 311 -2.29 -8.80 22.71
N CYS B 312 -1.88 -7.78 21.95
CA CYS B 312 -1.03 -8.01 20.78
C CYS B 312 0.16 -7.05 20.62
N GLN B 313 1.15 -7.53 19.88
CA GLN B 313 2.36 -6.81 19.54
C GLN B 313 2.07 -5.56 18.70
N ASP B 314 2.90 -4.53 18.85
CA ASP B 314 2.78 -3.30 18.06
C ASP B 314 2.79 -3.52 16.54
N SER B 315 3.68 -4.39 16.09
CA SER B 315 3.81 -4.74 14.66
C SER B 315 2.53 -5.32 14.02
N VAL B 316 1.58 -5.77 14.85
CA VAL B 316 0.29 -6.27 14.36
C VAL B 316 -0.54 -5.13 13.76
N ALA B 317 -0.51 -3.96 14.40
CA ALA B 317 -1.16 -2.77 13.85
C ALA B 317 -0.52 -2.35 12.53
N ALA B 318 0.81 -2.44 12.48
CA ALA B 318 1.58 -2.03 11.31
C ALA B 318 1.23 -2.91 10.11
N LEU B 319 1.14 -4.21 10.36
CA LEU B 319 0.72 -5.17 9.34
C LEU B 319 -0.69 -4.85 8.83
N GLY B 320 -1.61 -4.49 9.73
CA GLY B 320 -2.96 -4.11 9.35
C GLY B 320 -2.99 -2.89 8.44
N MET B 321 -2.17 -1.89 8.80
CA MET B 321 -2.05 -0.65 8.05
C MET B 321 -1.63 -0.91 6.62
N ARG B 322 -0.61 -1.76 6.45
CA ARG B 322 -0.10 -2.11 5.14
C ARG B 322 -1.10 -2.93 4.32
N VAL B 323 -1.84 -3.81 4.99
CA VAL B 323 -2.79 -4.69 4.31
C VAL B 323 -3.97 -3.87 3.80
N LEU B 324 -4.41 -2.91 4.62
CA LEU B 324 -5.51 -2.03 4.25
C LEU B 324 -5.17 -1.03 3.15
N GLY B 325 -3.95 -0.49 3.19
CA GLY B 325 -3.51 0.54 2.24
C GLY B 325 -3.02 -0.01 0.91
N ASN B 326 -2.71 -1.30 0.89
CA ASN B 326 -2.39 -2.01 -0.36
C ASN B 326 -3.20 -3.31 -0.43
N PRO B 327 -4.49 -3.19 -0.80
CA PRO B 327 -5.48 -4.27 -0.73
C PRO B 327 -5.14 -5.47 -1.60
N TYR B 328 -5.78 -6.60 -1.30
CA TYR B 328 -5.62 -7.84 -2.06
C TYR B 328 -6.63 -7.87 -3.21
N GLY B 329 -6.25 -8.52 -4.30
CA GLY B 329 -7.08 -8.64 -5.49
C GLY B 329 -7.66 -7.31 -5.94
N ASN B 330 -8.99 -7.26 -6.00
CA ASN B 330 -9.71 -6.08 -6.45
C ASN B 330 -10.37 -5.29 -5.30
N ASP B 331 -9.99 -5.58 -4.07
CA ASP B 331 -10.57 -4.95 -2.89
C ASP B 331 -10.31 -3.44 -2.85
N PRO B 332 -11.25 -2.66 -2.26
CA PRO B 332 -11.05 -1.22 -2.10
C PRO B 332 -9.90 -0.86 -1.17
N ARG B 333 -9.19 0.20 -1.52
CA ARG B 333 -8.07 0.71 -0.71
C ARG B 333 -8.62 1.52 0.46
N ILE B 334 -8.03 1.31 1.64
CA ILE B 334 -8.37 2.07 2.83
C ILE B 334 -7.12 2.67 3.50
N ILE B 335 -7.15 3.99 3.72
CA ILE B 335 -6.11 4.65 4.52
C ILE B 335 -6.45 4.43 5.98
N SER B 336 -5.60 3.68 6.69
CA SER B 336 -5.85 3.38 8.09
C SER B 336 -4.62 3.65 8.95
N GLY B 337 -4.82 4.39 10.04
CA GLY B 337 -3.73 4.75 10.97
C GLY B 337 -3.40 3.65 11.95
N GLU B 338 -2.36 3.88 12.77
CA GLU B 338 -1.85 2.88 13.70
C GLU B 338 -2.94 2.29 14.61
N SER B 339 -3.69 3.18 15.28
CA SER B 339 -4.79 2.77 16.13
C SER B 339 -5.98 2.28 15.31
N GLY B 340 -6.03 2.68 14.04
CA GLY B 340 -7.17 2.36 13.20
C GLY B 340 -7.16 0.97 12.60
N ALA B 341 -5.99 0.35 12.52
CA ALA B 341 -5.80 -0.82 11.67
C ALA B 341 -5.59 -2.13 12.43
N VAL B 342 -5.35 -2.03 13.73
CA VAL B 342 -4.94 -3.19 14.53
C VAL B 342 -5.95 -4.36 14.54
N GLY B 343 -7.23 -4.05 14.35
CA GLY B 343 -8.27 -5.07 14.32
C GLY B 343 -8.09 -5.94 13.10
N LEU B 344 -7.93 -5.28 11.94
CA LEU B 344 -7.60 -5.96 10.70
C LEU B 344 -6.28 -6.71 10.84
N GLY B 345 -5.29 -6.04 11.43
CA GLY B 345 -3.96 -6.60 11.63
C GLY B 345 -3.96 -7.92 12.38
N VAL B 346 -4.90 -8.08 13.30
CA VAL B 346 -5.09 -9.34 14.01
C VAL B 346 -5.44 -10.45 13.02
N LEU B 347 -6.42 -10.20 12.16
CA LEU B 347 -6.82 -11.18 11.15
C LEU B 347 -5.64 -11.56 10.25
N ALA B 348 -4.88 -10.57 9.81
CA ALA B 348 -3.72 -10.81 8.96
C ALA B 348 -2.60 -11.54 9.71
N ALA B 349 -2.41 -11.23 10.98
CA ALA B 349 -1.37 -11.87 11.80
C ALA B 349 -1.68 -13.35 12.05
N VAL B 350 -2.94 -13.63 12.38
CA VAL B 350 -3.44 -15.00 12.54
C VAL B 350 -3.21 -15.81 11.26
N HIS B 351 -3.53 -15.22 10.11
CA HIS B 351 -3.44 -15.91 8.82
C HIS B 351 -2.07 -16.48 8.53
N TYR B 352 -1.05 -15.69 8.83
CA TYR B 352 0.32 -16.08 8.51
C TYR B 352 1.04 -16.79 9.67
N HIS B 353 0.28 -17.04 10.74
CA HIS B 353 0.83 -17.66 11.93
C HIS B 353 0.95 -19.15 11.71
N PRO B 354 2.02 -19.77 12.25
CA PRO B 354 2.17 -21.23 12.17
C PRO B 354 0.95 -21.93 12.75
N GLN B 355 0.44 -21.42 13.87
CA GLN B 355 -0.72 -21.98 14.58
C GLN B 355 -2.04 -21.35 14.14
N ARG B 356 -2.10 -20.94 12.88
CA ARG B 356 -3.30 -20.35 12.26
C ARG B 356 -4.59 -21.12 12.58
N GLN B 357 -4.61 -22.42 12.25
CA GLN B 357 -5.80 -23.25 12.42
C GLN B 357 -6.38 -23.16 13.85
N SER B 358 -5.53 -23.42 14.85
CA SER B 358 -5.94 -23.36 16.25
C SER B 358 -6.39 -21.95 16.67
N LEU B 359 -5.64 -20.92 16.25
CA LEU B 359 -6.00 -19.52 16.52
C LEU B 359 -7.34 -19.13 15.89
N MET B 360 -7.57 -19.57 14.65
CA MET B 360 -8.86 -19.39 13.98
C MET B 360 -10.00 -20.06 14.75
N GLU B 361 -9.75 -21.30 15.20
CA GLU B 361 -10.74 -22.06 15.98
C GLU B 361 -11.04 -21.36 17.31
N LYS B 362 -9.98 -20.93 17.99
CA LYS B 362 -10.07 -20.19 19.23
C LYS B 362 -10.97 -18.95 19.08
N LEU B 363 -10.77 -18.21 17.99
CA LEU B 363 -11.53 -17.00 17.70
C LEU B 363 -12.86 -17.30 17.01
N ALA B 364 -13.18 -18.60 16.90
CA ALA B 364 -14.39 -19.13 16.25
C ALA B 364 -14.57 -18.58 14.84
N LEU B 365 -13.46 -18.39 14.14
CA LEU B 365 -13.46 -17.90 12.77
C LEU B 365 -13.39 -19.06 11.79
N ASN B 366 -14.38 -19.12 10.90
CA ASN B 366 -14.44 -20.16 9.88
C ASN B 366 -14.95 -19.57 8.59
N LYS B 367 -15.35 -20.43 7.65
CA LYS B 367 -15.76 -20.01 6.30
C LYS B 367 -17.05 -19.19 6.28
N ASP B 368 -17.79 -19.20 7.39
CA ASP B 368 -19.06 -18.48 7.45
C ASP B 368 -18.99 -17.13 8.18
N ALA B 369 -17.84 -16.86 8.81
CA ALA B 369 -17.68 -15.66 9.63
C ALA B 369 -17.82 -14.37 8.84
N VAL B 370 -18.75 -13.54 9.28
CA VAL B 370 -18.91 -12.21 8.71
C VAL B 370 -18.31 -11.26 9.72
N VAL B 371 -17.13 -10.75 9.39
CA VAL B 371 -16.32 -10.01 10.34
C VAL B 371 -16.40 -8.51 10.09
N LEU B 372 -16.98 -7.81 11.07
CA LEU B 372 -16.98 -6.35 11.07
C LEU B 372 -15.74 -5.83 11.77
N VAL B 373 -15.05 -4.93 11.08
CA VAL B 373 -13.84 -4.27 11.57
C VAL B 373 -14.08 -2.76 11.50
N ILE B 374 -13.60 -2.04 12.52
CA ILE B 374 -13.71 -0.58 12.56
C ILE B 374 -12.35 0.06 12.30
N SER B 375 -12.22 0.69 11.14
CA SER B 375 -11.04 1.52 10.85
C SER B 375 -11.29 2.89 11.46
N THR B 376 -10.79 3.08 12.67
CA THR B 376 -11.16 4.21 13.51
C THR B 376 -10.55 5.54 13.07
N GLU B 377 -9.43 5.49 12.33
CA GLU B 377 -8.79 6.69 11.80
C GLU B 377 -7.97 6.43 10.53
N GLY B 378 -7.82 7.45 9.70
CA GLY B 378 -6.91 7.39 8.56
C GLY B 378 -5.49 7.78 8.94
N ASP B 379 -4.77 8.37 8.00
CA ASP B 379 -3.36 8.73 8.20
C ASP B 379 -3.19 10.02 9.00
N THR B 380 -3.61 9.99 10.26
CA THR B 380 -3.59 11.17 11.13
C THR B 380 -2.16 11.64 11.43
N ASP B 381 -1.20 10.72 11.43
CA ASP B 381 0.22 11.02 11.46
C ASP B 381 0.79 10.60 10.12
N VAL B 382 0.86 11.53 9.17
CA VAL B 382 1.29 11.19 7.80
C VAL B 382 2.73 10.67 7.79
N LYS B 383 3.55 11.21 8.70
CA LYS B 383 4.96 10.83 8.79
C LYS B 383 5.11 9.35 9.11
N HIS B 384 4.50 8.92 10.21
CA HIS B 384 4.56 7.55 10.66
C HIS B 384 3.85 6.61 9.73
N TYR B 385 2.69 7.06 9.20
CA TYR B 385 1.90 6.24 8.29
C TYR B 385 2.75 5.75 7.12
N ARG B 386 3.47 6.68 6.49
CA ARG B 386 4.33 6.39 5.35
C ARG B 386 5.60 5.64 5.73
N GLU B 387 6.01 5.78 6.99
CA GLU B 387 7.13 5.00 7.49
C GLU B 387 6.74 3.51 7.57
N VAL B 388 5.51 3.26 7.99
CA VAL B 388 4.96 1.91 8.01
C VAL B 388 4.78 1.35 6.59
N VAL B 389 3.97 2.03 5.79
CA VAL B 389 3.54 1.52 4.47
C VAL B 389 4.59 1.65 3.36
N TRP B 390 5.53 2.57 3.48
CA TRP B 390 6.59 2.73 2.47
C TRP B 390 7.94 2.23 2.92
N GLU B 391 8.37 2.63 4.10
CA GLU B 391 9.70 2.29 4.60
C GLU B 391 9.75 0.89 5.22
N GLY B 392 8.59 0.39 5.64
CA GLY B 392 8.51 -0.88 6.33
C GLY B 392 8.95 -0.81 7.78
N LYS B 393 8.68 0.32 8.44
CA LYS B 393 8.86 0.42 9.89
C LYS B 393 7.94 -0.56 10.60
N HIS B 394 8.44 -1.14 11.69
CA HIS B 394 7.72 -2.16 12.47
C HIS B 394 7.29 -3.30 11.57
N ALA B 395 8.28 -3.83 10.87
CA ALA B 395 8.10 -4.96 9.97
C ALA B 395 7.97 -6.25 10.78
N VAL B 396 7.45 -7.28 10.12
CA VAL B 396 7.26 -8.58 10.74
C VAL B 396 8.58 -9.23 11.19
N ALA B 397 9.63 -9.08 10.39
CA ALA B 397 10.94 -9.65 10.70
C ALA B 397 11.90 -8.61 11.29
O 0JO C . 14.21 -13.66 -18.01
C 0JO C . 13.74 -12.50 -17.86
OXT 0JO C . 12.54 -12.27 -18.10
CA 0JO C . 14.61 -11.43 -17.39
CB 0JO C . 15.93 -11.53 -17.40
N 0JO C . 14.03 -10.33 -16.89
C4A 0JO C . 13.99 -9.22 -17.50
C4 0JO C . 13.33 -8.03 -16.89
C3 0JO C . 12.05 -8.13 -16.34
O3 0JO C . 11.39 -9.32 -16.33
C2 0JO C . 11.47 -7.00 -15.79
C2A 0JO C . 10.09 -7.09 -15.18
N1 0JO C . 12.10 -5.81 -15.79
C6 0JO C . 13.31 -5.68 -16.31
C5 0JO C . 13.95 -6.78 -16.88
C5A 0JO C . 15.33 -6.59 -17.44
OP4 0JO C . 15.29 -6.47 -18.85
P 0JO C . 16.67 -6.64 -19.66
OP3 0JO C . 17.17 -8.03 -19.33
OP1 0JO C . 16.18 -6.40 -21.06
OP2 0JO C . 17.59 -5.58 -19.11
O 0JO D . -8.49 10.70 20.71
C 0JO D . -7.92 10.39 21.79
OXT 0JO D . -7.47 11.27 22.57
CA 0JO D . -7.79 8.97 22.11
CB 0JO D . -7.46 8.54 23.32
N 0JO D . -8.00 8.11 21.10
C4A 0JO D . -8.58 6.98 21.20
C4 0JO D . -8.76 6.14 19.99
C3 0JO D . -8.48 6.66 18.73
O3 0JO D . -8.02 7.94 18.58
C2 0JO D . -8.65 5.85 17.61
C2A 0JO D . -8.35 6.39 16.25
N1 0JO D . -9.10 4.59 17.70
C6 0JO D . -9.40 4.07 18.91
C5 0JO D . -9.22 4.82 20.07
C5A 0JO D . -9.57 4.18 21.38
OP4 0JO D . -10.84 4.62 21.80
P 0JO D . -11.19 4.64 23.37
OP3 0JO D . -10.92 3.23 23.82
OP1 0JO D . -12.63 5.07 23.38
OP2 0JO D . -10.21 5.63 23.96
#